data_9AYQ
#
_entry.id   9AYQ
#
_cell.length_a   100.106
_cell.length_b   63.967
_cell.length_c   126.575
_cell.angle_alpha   90.00
_cell.angle_beta   102.18
_cell.angle_gamma   90.00
#
_symmetry.space_group_name_H-M   'P 1 21 1'
#
loop_
_entity.id
_entity.type
_entity.pdbx_description
1 polymer 'Probable global transcription activator SNF2L2'
2 non-polymer "ADENOSINE-5'-DIPHOSPHATE"
3 non-polymer 4-cyano-N-[1-(2,2-difluoroethyl)-5-fluoro-6-oxo-1,6-dihydropyridin-3-yl]-5-(trifluoromethyl)thiophene-2-carboxamide
4 water water
#
_entity_poly.entity_id   1
_entity_poly.type   'polypeptide(L)'
_entity_poly.pdbx_seq_one_letter_code
;MSYYHHHHHHDYDIPTTENLYFQSIATERIEKERMRRLMAEDEEGYRKLIDQKKDRRLAYLLQQTDEYVANLTNLVWEHK
QAQAASGGSGYYTVAHAISERVEKQSALLINGTLKHYQLQGLEWMVSLYNNNLNGILADEMGLGKTIQTIALITYLMEHK
RLNGPYLIIVPLSTLSNWTYEFDKWAPSVVKISYKGTPAMRRSLVPQLRSGKFNVLLTTYEYIIKDKHILAKIRWKYMIV
DEGHRMKNHHCKLTQVLNTHYVAPRRILLTGTPLQNKLPELWALLNFLLPTIFKSCSTFEQWFNAPFAMTGERVDLNEEE
TILIIRRLHKVLRPFLLRRLKKEVESQLPEKVEYVIKCDMSALQKILYRHMQAKGILLTDGSEKDKKGKGGAKTLMNTIM
QLRKICNHPYMFQHIEESFAEHLGYSNGVINGAELYRASGKFELLDRILPKLRATNHRVLLFCQMTSLMTIMEDYFAFRN
FLYLRLDGTTKSEDRAALLKKFNEPGSQYFIFLLSTRAGGLGLNLQAADTVVIFDSDWNPSGGSGGSGQNEVRVLRLCTV
NSVEEKILAAAKYKLNVDQKVIQAGMFDQKSSSHERRAFLQAILEHEEENEEEDEVPDDETLNQMIARREEEFDLFMRMD
MDRRREDARNPKRKPRLMEEDELPSWIIKDDAEVERLTCEEEEEKDYKDDDDK
;
_entity_poly.pdbx_strand_id   A,B
#
loop_
_chem_comp.id
_chem_comp.type
_chem_comp.name
_chem_comp.formula
A1AHQ non-polymer 4-cyano-N-[1-(2,2-difluoroethyl)-5-fluoro-6-oxo-1,6-dihydropyridin-3-yl]-5-(trifluoromethyl)thiophene-2-carboxamide 'C14 H7 F6 N3 O2 S'
ADP non-polymer ADENOSINE-5'-DIPHOSPHATE 'C10 H15 N5 O10 P2'
#
# COMPACT_ATOMS: atom_id res chain seq x y z
N SER A 24 -9.08 18.29 38.30
CA SER A 24 -8.32 17.68 37.17
C SER A 24 -7.09 16.91 37.68
N ILE A 25 -6.36 17.42 38.67
CA ILE A 25 -5.33 16.64 39.42
C ILE A 25 -6.06 15.64 40.32
N ALA A 26 -7.02 16.14 41.11
CA ALA A 26 -7.86 15.35 42.04
C ALA A 26 -8.47 14.16 41.29
N THR A 27 -9.09 14.41 40.13
CA THR A 27 -9.78 13.38 39.30
C THR A 27 -8.73 12.40 38.73
N GLU A 28 -7.66 12.94 38.12
CA GLU A 28 -6.55 12.14 37.51
C GLU A 28 -5.90 11.24 38.55
N ARG A 29 -5.63 11.76 39.75
CA ARG A 29 -5.09 10.98 40.91
C ARG A 29 -6.01 9.78 41.18
N ILE A 30 -7.32 10.02 41.28
CA ILE A 30 -8.36 9.00 41.65
C ILE A 30 -8.51 8.00 40.50
N GLU A 31 -8.81 8.49 39.29
CA GLU A 31 -9.09 7.67 38.08
C GLU A 31 -7.85 6.83 37.73
N LYS A 32 -6.65 7.29 38.10
CA LYS A 32 -5.37 6.54 38.00
C LYS A 32 -5.41 5.36 38.96
N GLU A 33 -5.68 5.62 40.25
CA GLU A 33 -5.78 4.61 41.32
C GLU A 33 -6.92 3.63 41.03
N ARG A 34 -8.00 4.10 40.37
CA ARG A 34 -9.15 3.26 39.94
C ARG A 34 -8.66 2.19 38.94
N MET A 35 -7.87 2.61 37.95
CA MET A 35 -7.30 1.72 36.90
C MET A 35 -6.26 0.79 37.52
N ARG A 36 -5.44 1.29 38.45
CA ARG A 36 -4.40 0.48 39.14
C ARG A 36 -5.05 -0.60 40.02
N ARG A 37 -6.28 -0.38 40.49
CA ARG A 37 -6.96 -1.26 41.48
C ARG A 37 -7.75 -2.36 40.77
N LEU A 38 -8.28 -2.10 39.57
CA LEU A 38 -8.94 -3.11 38.70
C LEU A 38 -7.90 -4.12 38.18
N MET A 39 -6.70 -3.64 37.83
CA MET A 39 -5.57 -4.49 37.38
C MET A 39 -5.25 -5.53 38.46
N ALA A 40 -5.39 -5.14 39.74
CA ALA A 40 -5.09 -5.98 40.92
C ALA A 40 -6.26 -6.95 41.20
N GLU A 41 -7.50 -6.47 41.21
CA GLU A 41 -8.62 -7.11 41.98
C GLU A 41 -9.70 -7.72 41.06
N ASP A 42 -9.76 -7.34 39.77
CA ASP A 42 -10.66 -7.97 38.77
C ASP A 42 -10.07 -7.75 37.36
N GLU A 43 -9.03 -8.52 37.02
CA GLU A 43 -8.27 -8.41 35.76
C GLU A 43 -9.21 -8.60 34.56
N GLU A 44 -10.21 -9.49 34.69
CA GLU A 44 -11.16 -9.78 33.58
C GLU A 44 -12.07 -8.57 33.37
N GLY A 45 -12.49 -7.92 34.46
CA GLY A 45 -13.30 -6.68 34.44
C GLY A 45 -12.52 -5.50 33.87
N TYR A 46 -11.22 -5.43 34.18
CA TYR A 46 -10.27 -4.41 33.66
C TYR A 46 -10.13 -4.52 32.13
N ARG A 47 -10.07 -5.75 31.60
CA ARG A 47 -9.99 -6.02 30.14
C ARG A 47 -11.30 -5.62 29.46
N LYS A 48 -12.44 -5.96 30.08
CA LYS A 48 -13.80 -5.65 29.56
C LYS A 48 -13.99 -4.13 29.40
N LEU A 49 -13.37 -3.34 30.29
CA LEU A 49 -13.45 -1.86 30.26
C LEU A 49 -12.67 -1.33 29.05
N ILE A 50 -11.39 -1.67 28.95
CA ILE A 50 -10.46 -1.14 27.93
C ILE A 50 -11.01 -1.43 26.52
N ASP A 51 -11.57 -2.62 26.30
CA ASP A 51 -12.12 -3.03 24.99
C ASP A 51 -13.44 -2.26 24.74
N GLN A 52 -14.14 -1.86 25.81
CA GLN A 52 -15.35 -0.99 25.74
C GLN A 52 -14.94 0.44 25.35
N LYS A 53 -13.85 0.96 25.94
CA LYS A 53 -13.31 2.32 25.67
C LYS A 53 -12.79 2.41 24.23
N LYS A 54 -12.01 1.41 23.81
CA LYS A 54 -11.41 1.31 22.44
C LYS A 54 -12.54 1.49 21.41
N ASP A 55 -13.64 0.74 21.56
CA ASP A 55 -14.77 0.72 20.61
C ASP A 55 -15.52 2.06 20.66
N ARG A 56 -15.58 2.72 21.83
CA ARG A 56 -16.25 4.04 21.99
C ARG A 56 -15.52 5.08 21.12
N ARG A 57 -14.19 5.02 21.07
CA ARG A 57 -13.35 5.93 20.25
C ARG A 57 -13.64 5.70 18.76
N LEU A 58 -13.66 4.45 18.30
CA LEU A 58 -14.00 4.08 16.90
C LEU A 58 -15.42 4.59 16.59
N ALA A 59 -16.43 4.09 17.31
CA ALA A 59 -17.86 4.45 17.10
C ALA A 59 -18.00 5.96 16.97
N TYR A 60 -17.36 6.72 17.88
CA TYR A 60 -17.34 8.20 17.89
C TYR A 60 -16.72 8.72 16.59
N LEU A 61 -15.51 8.25 16.28
CA LEU A 61 -14.75 8.61 15.05
C LEU A 61 -15.69 8.47 13.84
N LEU A 62 -16.39 7.34 13.75
CA LEU A 62 -17.33 7.02 12.64
C LEU A 62 -18.55 7.95 12.69
N GLN A 63 -19.10 8.19 13.87
CA GLN A 63 -20.38 8.94 14.08
C GLN A 63 -20.24 10.38 13.59
N GLN A 64 -19.12 11.05 13.95
CA GLN A 64 -18.86 12.49 13.67
C GLN A 64 -18.64 12.72 12.17
N THR A 65 -18.25 11.67 11.43
CA THR A 65 -17.86 11.70 10.00
C THR A 65 -18.98 11.14 9.12
N ASP A 66 -20.12 10.73 9.70
CA ASP A 66 -21.20 9.98 9.00
C ASP A 66 -22.07 10.91 8.13
N GLU A 67 -21.78 12.22 8.14
CA GLU A 67 -22.52 13.24 7.34
C GLU A 67 -21.98 13.24 5.91
N HIS A 96 -27.89 21.18 -2.18
CA HIS A 96 -27.83 22.52 -2.83
C HIS A 96 -26.45 23.14 -2.55
N ALA A 97 -26.09 24.17 -3.33
CA ALA A 97 -24.85 24.98 -3.18
C ALA A 97 -24.98 26.25 -4.03
N ILE A 98 -24.16 27.26 -3.74
CA ILE A 98 -24.22 28.62 -4.37
C ILE A 98 -23.48 28.57 -5.71
N SER A 99 -24.17 28.96 -6.80
CA SER A 99 -23.62 29.02 -8.18
C SER A 99 -22.85 30.33 -8.39
N GLU A 100 -21.77 30.26 -9.18
CA GLU A 100 -21.11 31.42 -9.82
C GLU A 100 -20.32 30.92 -11.03
N ARG A 101 -20.58 31.49 -12.21
CA ARG A 101 -19.89 31.16 -13.49
C ARG A 101 -18.79 32.21 -13.70
N VAL A 102 -17.60 31.76 -14.11
CA VAL A 102 -16.36 32.59 -14.27
C VAL A 102 -15.94 32.58 -15.74
N GLU A 103 -16.47 33.51 -16.54
CA GLU A 103 -16.27 33.57 -18.02
C GLU A 103 -14.81 34.00 -18.31
N LYS A 104 -14.34 35.09 -17.70
CA LYS A 104 -12.96 35.62 -17.82
C LYS A 104 -12.17 35.36 -16.53
N GLN A 105 -10.86 35.56 -16.61
CA GLN A 105 -9.94 35.69 -15.45
C GLN A 105 -10.02 37.14 -14.94
N SER A 106 -9.30 37.45 -13.85
CA SER A 106 -9.21 38.82 -13.28
C SER A 106 -8.53 39.74 -14.30
N ALA A 107 -8.89 41.04 -14.31
CA ALA A 107 -8.21 42.10 -15.09
C ALA A 107 -6.82 42.32 -14.51
N LEU A 108 -6.62 41.96 -13.22
CA LEU A 108 -5.33 42.05 -12.50
C LEU A 108 -4.40 40.89 -12.90
N LEU A 109 -4.92 39.86 -13.57
CA LEU A 109 -4.11 38.74 -14.14
C LEU A 109 -3.78 39.05 -15.60
N ILE A 110 -2.47 39.14 -15.90
CA ILE A 110 -1.93 39.70 -17.17
C ILE A 110 -0.74 38.86 -17.64
N ASN A 111 -0.24 39.16 -18.84
CA ASN A 111 0.98 38.55 -19.45
C ASN A 111 0.77 37.04 -19.58
N GLY A 112 -0.31 36.65 -20.27
CA GLY A 112 -0.78 35.27 -20.42
C GLY A 112 -2.26 35.16 -20.09
N THR A 113 -3.00 34.35 -20.84
CA THR A 113 -4.45 34.06 -20.61
C THR A 113 -4.60 32.58 -20.25
N LEU A 114 -5.52 32.28 -19.33
CA LEU A 114 -5.68 30.95 -18.68
C LEU A 114 -6.20 29.95 -19.72
N LYS A 115 -5.88 28.67 -19.52
CA LYS A 115 -6.43 27.54 -20.29
C LYS A 115 -7.83 27.24 -19.73
N HIS A 116 -8.70 26.63 -20.53
CA HIS A 116 -10.11 26.33 -20.14
C HIS A 116 -10.13 25.49 -18.87
N TYR A 117 -9.21 24.52 -18.74
CA TYR A 117 -9.14 23.59 -17.58
C TYR A 117 -8.76 24.41 -16.33
N GLN A 118 -7.78 25.31 -16.45
CA GLN A 118 -7.33 26.20 -15.34
C GLN A 118 -8.48 27.12 -14.93
N LEU A 119 -9.32 27.52 -15.90
CA LEU A 119 -10.50 28.39 -15.68
C LEU A 119 -11.45 27.66 -14.72
N GLN A 120 -11.67 26.36 -14.95
CA GLN A 120 -12.55 25.51 -14.11
C GLN A 120 -11.95 25.36 -12.70
N GLY A 121 -10.61 25.34 -12.61
CA GLY A 121 -9.88 25.34 -11.34
C GLY A 121 -10.21 26.58 -10.53
N LEU A 122 -10.18 27.75 -11.18
CA LEU A 122 -10.54 29.06 -10.59
C LEU A 122 -12.00 28.99 -10.12
N GLU A 123 -12.90 28.68 -11.06
CA GLU A 123 -14.36 28.56 -10.84
C GLU A 123 -14.62 27.58 -9.68
N TRP A 124 -13.83 26.51 -9.57
CA TRP A 124 -13.96 25.48 -8.50
C TRP A 124 -13.65 26.11 -7.14
N MET A 125 -12.48 26.76 -7.01
CA MET A 125 -11.96 27.33 -5.73
C MET A 125 -12.79 28.54 -5.30
N VAL A 126 -13.53 29.16 -6.24
CA VAL A 126 -14.49 30.28 -5.98
C VAL A 126 -15.77 29.66 -5.40
N SER A 127 -16.29 28.62 -6.04
CA SER A 127 -17.40 27.78 -5.53
C SER A 127 -17.11 27.34 -4.10
N LEU A 128 -15.90 26.88 -3.82
CA LEU A 128 -15.45 26.54 -2.45
C LEU A 128 -15.70 27.77 -1.56
N TYR A 129 -15.22 28.94 -1.98
CA TYR A 129 -15.27 30.22 -1.22
C TYR A 129 -16.73 30.55 -0.87
N ASN A 130 -17.56 30.74 -1.89
CA ASN A 130 -19.00 31.09 -1.74
C ASN A 130 -19.65 30.14 -0.72
N ASN A 131 -19.40 28.83 -0.87
CA ASN A 131 -20.05 27.76 -0.07
C ASN A 131 -19.21 27.43 1.17
N ASN A 132 -18.21 28.26 1.48
CA ASN A 132 -17.60 28.31 2.82
C ASN A 132 -16.90 26.96 3.09
N LEU A 133 -16.11 26.48 2.11
CA LEU A 133 -15.49 25.12 2.07
C LEU A 133 -13.98 25.23 1.81
N ASN A 134 -13.23 24.19 2.19
CA ASN A 134 -11.78 24.03 1.90
C ASN A 134 -11.62 23.03 0.75
N GLY A 135 -10.45 23.02 0.11
CA GLY A 135 -10.16 22.14 -1.04
C GLY A 135 -8.72 21.66 -1.12
N ILE A 136 -8.47 20.72 -2.02
CA ILE A 136 -7.12 20.27 -2.47
C ILE A 136 -7.05 20.36 -4.00
N LEU A 137 -6.24 21.28 -4.52
CA LEU A 137 -5.84 21.29 -5.96
C LEU A 137 -4.61 20.37 -6.12
N ALA A 138 -4.83 19.18 -6.71
CA ALA A 138 -3.83 18.12 -6.90
C ALA A 138 -3.64 17.83 -8.39
N ASP A 139 -3.55 18.86 -9.23
CA ASP A 139 -3.23 18.71 -10.68
C ASP A 139 -1.82 18.13 -10.80
N GLU A 140 -1.56 17.34 -11.85
CA GLU A 140 -0.23 16.74 -12.14
C GLU A 140 0.80 17.87 -12.23
N MET A 141 2.09 17.54 -12.19
CA MET A 141 3.21 18.53 -12.29
C MET A 141 3.13 19.29 -13.61
N GLY A 142 3.34 20.61 -13.57
CA GLY A 142 3.51 21.48 -14.75
C GLY A 142 2.20 22.01 -15.32
N LEU A 143 1.08 21.89 -14.59
CA LEU A 143 -0.28 22.17 -15.13
C LEU A 143 -0.80 23.53 -14.68
N GLY A 144 -0.05 24.27 -13.85
CA GLY A 144 -0.43 25.65 -13.45
C GLY A 144 -1.10 25.72 -12.10
N LYS A 145 -0.63 24.95 -11.11
CA LYS A 145 -1.10 25.03 -9.70
C LYS A 145 -0.78 26.43 -9.15
N THR A 146 0.44 26.93 -9.38
CA THR A 146 0.90 28.26 -8.89
C THR A 146 0.13 29.38 -9.63
N ILE A 147 -0.12 29.20 -10.93
CA ILE A 147 -0.84 30.18 -11.81
C ILE A 147 -2.32 30.21 -11.42
N GLN A 148 -2.90 29.07 -11.02
CA GLN A 148 -4.34 28.95 -10.65
C GLN A 148 -4.57 29.59 -9.28
N THR A 149 -3.60 29.44 -8.35
CA THR A 149 -3.62 30.06 -7.00
C THR A 149 -3.58 31.58 -7.14
N ILE A 150 -2.83 32.11 -8.11
CA ILE A 150 -2.71 33.58 -8.38
C ILE A 150 -4.00 34.07 -9.05
N ALA A 151 -4.61 33.25 -9.91
CA ALA A 151 -5.89 33.55 -10.58
C ALA A 151 -6.99 33.70 -9.54
N LEU A 152 -6.95 32.86 -8.49
CA LEU A 152 -7.91 32.88 -7.34
C LEU A 152 -7.80 34.21 -6.61
N ILE A 153 -6.60 34.52 -6.10
CA ILE A 153 -6.33 35.74 -5.29
C ILE A 153 -6.76 36.97 -6.08
N THR A 154 -6.33 37.08 -7.35
CA THR A 154 -6.62 38.24 -8.24
C THR A 154 -8.12 38.33 -8.52
N TYR A 155 -8.82 37.20 -8.65
CA TYR A 155 -10.28 37.17 -8.92
C TYR A 155 -11.03 37.67 -7.67
N LEU A 156 -10.61 37.21 -6.49
CA LEU A 156 -11.29 37.55 -5.21
C LEU A 156 -11.04 39.02 -4.86
N MET A 157 -9.83 39.53 -5.14
CA MET A 157 -9.45 40.95 -4.92
C MET A 157 -10.29 41.86 -5.82
N GLU A 158 -10.58 41.44 -7.05
CA GLU A 158 -11.37 42.24 -8.03
C GLU A 158 -12.86 42.17 -7.68
N HIS A 159 -13.45 40.98 -7.74
CA HIS A 159 -14.93 40.76 -7.81
C HIS A 159 -15.55 40.60 -6.42
N LYS A 160 -14.74 40.36 -5.38
CA LYS A 160 -15.23 40.28 -3.97
C LYS A 160 -14.59 41.39 -3.12
N ARG A 161 -13.75 42.23 -3.72
CA ARG A 161 -12.98 43.30 -3.03
C ARG A 161 -12.33 42.72 -1.76
N LEU A 162 -11.76 41.51 -1.88
CA LEU A 162 -11.05 40.81 -0.77
C LEU A 162 -9.54 41.07 -0.91
N ASN A 163 -9.05 42.14 -0.28
CA ASN A 163 -7.66 42.63 -0.38
C ASN A 163 -6.74 41.81 0.54
N GLY A 164 -7.30 40.93 1.37
CA GLY A 164 -6.53 39.96 2.16
C GLY A 164 -6.60 40.28 3.65
N PRO A 165 -5.60 39.87 4.47
CA PRO A 165 -4.36 39.26 3.98
C PRO A 165 -4.40 37.75 3.62
N TYR A 166 -3.72 37.37 2.53
CA TYR A 166 -3.55 35.98 2.06
C TYR A 166 -2.21 35.42 2.53
N LEU A 167 -2.23 34.30 3.27
CA LEU A 167 -1.03 33.54 3.70
C LEU A 167 -0.80 32.37 2.74
N ILE A 168 0.36 32.34 2.07
CA ILE A 168 0.82 31.20 1.21
C ILE A 168 2.08 30.59 1.85
N ILE A 169 1.99 29.33 2.30
CA ILE A 169 3.14 28.56 2.86
C ILE A 169 3.68 27.64 1.76
N VAL A 170 4.99 27.72 1.47
CA VAL A 170 5.65 26.98 0.36
C VAL A 170 6.97 26.38 0.84
N PRO A 171 7.47 25.31 0.17
CA PRO A 171 8.80 24.80 0.46
C PRO A 171 9.82 25.86 0.04
N LEU A 172 10.85 26.08 0.88
CA LEU A 172 11.83 27.21 0.76
C LEU A 172 12.45 27.23 -0.64
N SER A 173 12.70 26.07 -1.24
CA SER A 173 13.42 25.92 -2.55
C SER A 173 12.61 26.59 -3.68
N THR A 174 11.30 26.68 -3.54
CA THR A 174 10.39 27.17 -4.63
C THR A 174 9.90 28.59 -4.31
N LEU A 175 10.35 29.21 -3.22
CA LEU A 175 9.89 30.57 -2.81
C LEU A 175 10.19 31.56 -3.94
N SER A 176 11.41 31.55 -4.46
CA SER A 176 11.89 32.43 -5.57
C SER A 176 11.09 32.14 -6.85
N ASN A 177 10.64 30.90 -6.99
CA ASN A 177 9.79 30.42 -8.12
C ASN A 177 8.41 31.10 -8.02
N TRP A 178 7.79 31.04 -6.84
CA TRP A 178 6.49 31.68 -6.52
C TRP A 178 6.59 33.19 -6.75
N THR A 179 7.61 33.83 -6.18
CA THR A 179 7.80 35.31 -6.22
C THR A 179 8.02 35.75 -7.67
N TYR A 180 8.66 34.93 -8.49
CA TYR A 180 8.89 35.22 -9.94
C TYR A 180 7.53 35.23 -10.66
N GLU A 181 6.69 34.22 -10.41
CA GLU A 181 5.43 33.98 -11.16
C GLU A 181 4.35 34.98 -10.73
N PHE A 182 4.44 35.54 -9.52
CA PHE A 182 3.58 36.66 -9.05
C PHE A 182 4.00 37.93 -9.80
N ASP A 183 5.30 38.20 -9.89
CA ASP A 183 5.90 39.37 -10.60
C ASP A 183 5.50 39.35 -12.08
N LYS A 184 5.42 38.16 -12.69
CA LYS A 184 5.11 37.98 -14.13
C LYS A 184 3.60 38.17 -14.36
N TRP A 185 2.75 37.53 -13.54
CA TRP A 185 1.28 37.35 -13.82
C TRP A 185 0.42 38.36 -13.06
N ALA A 186 0.85 38.83 -11.89
CA ALA A 186 0.05 39.74 -11.02
C ALA A 186 0.97 40.72 -10.28
N PRO A 187 1.68 41.61 -11.01
CA PRO A 187 2.63 42.54 -10.38
C PRO A 187 1.94 43.60 -9.49
N SER A 188 0.69 43.96 -9.79
CA SER A 188 -0.14 44.90 -8.98
C SER A 188 -0.23 44.40 -7.53
N VAL A 189 -0.36 43.09 -7.33
CA VAL A 189 -0.45 42.42 -5.99
C VAL A 189 0.78 42.83 -5.17
N VAL A 190 0.58 43.25 -3.91
CA VAL A 190 1.65 43.70 -2.98
C VAL A 190 1.99 42.54 -2.03
N LYS A 191 3.18 41.94 -2.16
CA LYS A 191 3.55 40.70 -1.41
C LYS A 191 4.78 40.95 -0.52
N ILE A 192 4.84 40.24 0.61
CA ILE A 192 5.96 40.21 1.58
C ILE A 192 6.62 38.83 1.48
N SER A 193 7.95 38.75 1.63
CA SER A 193 8.70 37.48 1.73
C SER A 193 9.24 37.33 3.15
N TYR A 194 8.42 36.80 4.05
CA TYR A 194 8.78 36.62 5.48
C TYR A 194 9.76 35.45 5.60
N LYS A 195 11.06 35.78 5.57
CA LYS A 195 12.18 34.85 5.88
C LYS A 195 13.43 35.69 6.19
N GLY A 196 14.57 35.04 6.41
CA GLY A 196 15.87 35.71 6.55
C GLY A 196 16.31 35.78 8.00
N THR A 197 17.27 36.65 8.30
CA THR A 197 17.84 36.85 9.65
C THR A 197 16.79 37.55 10.51
N PRO A 198 16.85 37.42 11.85
CA PRO A 198 15.89 38.12 12.72
C PRO A 198 15.84 39.62 12.35
N ALA A 199 17.00 40.26 12.26
CA ALA A 199 17.18 41.66 11.76
C ALA A 199 16.23 41.90 10.59
N MET A 200 16.26 41.04 9.57
CA MET A 200 15.42 41.16 8.36
C MET A 200 13.95 41.05 8.74
N ARG A 201 13.58 40.01 9.50
CA ARG A 201 12.16 39.70 9.85
C ARG A 201 11.55 40.88 10.61
N ARG A 202 12.27 41.40 11.61
CA ARG A 202 11.86 42.57 12.44
C ARG A 202 11.62 43.78 11.53
N SER A 203 12.47 43.99 10.51
CA SER A 203 12.37 45.12 9.56
C SER A 203 10.96 45.18 8.97
N LEU A 204 10.27 44.03 8.88
CA LEU A 204 9.00 43.85 8.14
C LEU A 204 7.79 44.01 9.06
N VAL A 205 7.98 44.02 10.38
CA VAL A 205 6.88 44.06 11.40
C VAL A 205 6.08 45.34 11.22
N PRO A 206 6.70 46.51 10.91
CA PRO A 206 5.93 47.72 10.62
C PRO A 206 4.87 47.47 9.54
N GLN A 207 5.26 46.91 8.40
CA GLN A 207 4.39 46.70 7.23
C GLN A 207 3.25 45.74 7.59
N LEU A 208 3.48 44.79 8.50
CA LEU A 208 2.47 43.81 8.96
C LEU A 208 1.40 44.52 9.79
N ARG A 209 1.77 45.05 10.97
CA ARG A 209 0.88 45.87 11.84
C ARG A 209 0.12 46.90 10.99
N SER A 210 0.80 47.53 10.04
CA SER A 210 0.24 48.50 9.06
C SER A 210 -0.87 47.84 8.23
N GLY A 211 -0.62 46.63 7.71
CA GLY A 211 -1.56 45.91 6.82
C GLY A 211 -1.49 46.39 5.38
N LYS A 212 -0.42 47.10 4.99
CA LYS A 212 -0.15 47.55 3.59
C LYS A 212 0.47 46.39 2.81
N PHE A 213 -0.29 45.31 2.59
CA PHE A 213 0.13 44.15 1.76
C PHE A 213 -1.09 43.28 1.46
N ASN A 214 -1.13 42.64 0.29
CA ASN A 214 -2.18 41.66 -0.10
C ASN A 214 -1.74 40.26 0.34
N VAL A 215 -0.50 39.86 0.03
CA VAL A 215 0.00 38.46 0.18
C VAL A 215 1.26 38.44 1.05
N LEU A 216 1.46 37.34 1.79
CA LEU A 216 2.72 37.03 2.52
C LEU A 216 3.10 35.56 2.26
N LEU A 217 4.30 35.32 1.73
CA LEU A 217 4.88 33.96 1.54
C LEU A 217 5.93 33.71 2.63
N THR A 218 5.93 32.52 3.20
CA THR A 218 6.86 32.09 4.29
C THR A 218 6.99 30.57 4.27
N THR A 219 7.86 30.02 5.12
CA THR A 219 8.21 28.58 5.17
C THR A 219 7.96 28.05 6.58
N TYR A 220 8.02 26.72 6.76
CA TYR A 220 7.51 26.01 7.96
C TYR A 220 8.17 26.54 9.22
N GLU A 221 9.48 26.80 9.19
CA GLU A 221 10.26 27.16 10.40
C GLU A 221 9.77 28.50 10.96
N TYR A 222 9.39 29.46 10.10
CA TYR A 222 8.98 30.83 10.50
C TYR A 222 7.53 30.81 11.05
N ILE A 223 6.68 29.94 10.51
CA ILE A 223 5.30 29.70 11.03
C ILE A 223 5.39 29.21 12.49
N ILE A 224 6.44 28.47 12.82
CA ILE A 224 6.70 27.84 14.15
C ILE A 224 7.52 28.80 15.03
N LYS A 225 8.66 29.26 14.54
CA LYS A 225 9.62 30.18 15.25
C LYS A 225 8.92 31.48 15.66
N ASP A 226 8.18 32.11 14.72
CA ASP A 226 7.65 33.49 14.84
C ASP A 226 6.12 33.47 14.86
N LYS A 227 5.53 32.57 15.65
CA LYS A 227 4.05 32.51 15.88
C LYS A 227 3.64 33.82 16.58
N HIS A 228 4.49 34.31 17.50
CA HIS A 228 4.27 35.54 18.30
C HIS A 228 4.10 36.77 17.40
N ILE A 229 4.46 36.66 16.11
CA ILE A 229 4.26 37.74 15.10
C ILE A 229 3.17 37.30 14.12
N LEU A 230 3.30 36.12 13.50
CA LEU A 230 2.50 35.75 12.30
C LEU A 230 1.09 35.27 12.69
N ALA A 231 0.95 34.46 13.75
CA ALA A 231 -0.35 33.93 14.23
C ALA A 231 -1.33 35.07 14.53
N LYS A 232 -0.82 36.20 15.03
CA LYS A 232 -1.59 37.41 15.44
C LYS A 232 -2.43 37.93 14.27
N ILE A 233 -1.87 37.94 13.07
CA ILE A 233 -2.54 38.47 11.85
C ILE A 233 -3.81 37.63 11.57
N ARG A 234 -4.83 38.29 11.03
CA ARG A 234 -6.20 37.74 10.88
C ARG A 234 -6.40 37.36 9.41
N TRP A 235 -5.70 36.29 8.97
CA TRP A 235 -5.61 35.82 7.56
C TRP A 235 -7.00 35.47 7.00
N LYS A 236 -7.34 36.00 5.82
CA LYS A 236 -8.58 35.70 5.08
C LYS A 236 -8.43 34.35 4.35
N TYR A 237 -7.18 33.89 4.15
CA TYR A 237 -6.83 32.66 3.39
C TYR A 237 -5.54 32.03 3.94
N MET A 238 -5.46 30.70 3.86
CA MET A 238 -4.30 29.89 4.33
C MET A 238 -3.99 28.80 3.29
N ILE A 239 -3.32 29.19 2.22
CA ILE A 239 -2.91 28.29 1.10
C ILE A 239 -1.54 27.71 1.47
N VAL A 240 -1.37 26.39 1.39
CA VAL A 240 -0.07 25.72 1.71
C VAL A 240 0.35 24.86 0.51
N ASP A 241 1.66 24.80 0.23
CA ASP A 241 2.26 23.96 -0.83
C ASP A 241 3.07 22.82 -0.18
N GLU A 242 2.53 21.61 -0.29
CA GLU A 242 3.12 20.33 0.18
C GLU A 242 4.31 19.95 -0.70
N GLY A 243 4.40 20.52 -1.89
CA GLY A 243 5.36 20.09 -2.92
C GLY A 243 4.77 18.94 -3.72
N HIS A 244 5.57 17.91 -4.02
CA HIS A 244 5.15 16.69 -4.75
C HIS A 244 4.26 15.86 -3.81
N ARG A 245 4.80 15.52 -2.63
CA ARG A 245 4.28 14.47 -1.72
C ARG A 245 4.37 15.00 -0.29
N MET A 246 3.51 14.52 0.61
CA MET A 246 3.62 14.85 2.06
C MET A 246 4.99 14.40 2.56
N LYS A 247 5.65 15.24 3.36
CA LYS A 247 6.96 14.93 4.01
C LYS A 247 6.72 14.79 5.51
N ASN A 248 7.67 14.17 6.21
CA ASN A 248 7.56 13.79 7.64
C ASN A 248 7.28 15.03 8.49
N HIS A 249 7.91 16.17 8.15
CA HIS A 249 7.89 17.42 8.97
C HIS A 249 6.55 18.16 8.87
N HIS A 250 5.61 17.66 8.06
CA HIS A 250 4.31 18.33 7.79
C HIS A 250 3.26 18.00 8.86
N CYS A 251 3.46 16.95 9.69
CA CYS A 251 2.59 16.62 10.85
C CYS A 251 2.68 17.75 11.89
N LYS A 252 3.89 18.07 12.34
CA LYS A 252 4.20 19.18 13.28
C LYS A 252 3.59 20.48 12.74
N LEU A 253 3.61 20.71 11.43
CA LEU A 253 3.11 21.96 10.80
C LEU A 253 1.59 22.00 10.89
N THR A 254 0.91 20.88 10.61
CA THR A 254 -0.56 20.78 10.68
C THR A 254 -1.03 21.18 12.09
N GLN A 255 -0.41 20.60 13.12
CA GLN A 255 -0.75 20.80 14.56
C GLN A 255 -0.63 22.29 14.92
N VAL A 256 0.56 22.87 14.76
CA VAL A 256 0.85 24.31 15.07
C VAL A 256 -0.19 25.19 14.37
N LEU A 257 -0.48 24.92 13.09
CA LEU A 257 -1.38 25.77 12.25
C LEU A 257 -2.76 25.89 12.90
N ASN A 258 -3.39 24.77 13.27
CA ASN A 258 -4.76 24.81 13.86
C ASN A 258 -4.66 24.85 15.39
N THR A 259 -3.45 24.92 15.97
CA THR A 259 -3.27 25.27 17.41
C THR A 259 -3.29 26.79 17.58
N HIS A 260 -2.65 27.56 16.68
CA HIS A 260 -2.30 28.99 16.91
C HIS A 260 -2.86 29.97 15.86
N TYR A 261 -3.06 29.54 14.60
CA TYR A 261 -3.39 30.45 13.47
C TYR A 261 -4.91 30.43 13.22
N VAL A 262 -5.45 31.52 12.67
CA VAL A 262 -6.92 31.74 12.47
C VAL A 262 -7.18 32.08 11.01
N ALA A 263 -7.34 31.08 10.14
CA ALA A 263 -7.61 31.25 8.70
C ALA A 263 -8.95 30.62 8.33
N PRO A 264 -9.95 31.43 7.92
CA PRO A 264 -11.23 30.87 7.46
C PRO A 264 -11.02 29.87 6.31
N ARG A 265 -10.56 30.36 5.14
CA ARG A 265 -10.40 29.53 3.92
C ARG A 265 -9.04 28.83 3.98
N ARG A 266 -8.97 27.62 3.43
CA ARG A 266 -7.72 26.82 3.31
C ARG A 266 -7.69 26.16 1.93
N ILE A 267 -6.48 26.08 1.35
CA ILE A 267 -6.17 25.26 0.14
C ILE A 267 -4.87 24.50 0.42
N LEU A 268 -4.83 23.22 0.05
CA LEU A 268 -3.62 22.37 0.06
C LEU A 268 -3.21 22.10 -1.39
N LEU A 269 -2.08 22.65 -1.84
CA LEU A 269 -1.50 22.38 -3.19
C LEU A 269 -0.60 21.15 -3.09
N THR A 270 -0.78 20.21 -4.02
CA THR A 270 -0.07 18.90 -4.05
C THR A 270 -0.01 18.35 -5.48
N GLY A 271 0.94 17.45 -5.73
CA GLY A 271 1.16 16.79 -7.04
C GLY A 271 0.76 15.32 -7.04
N THR A 272 0.50 14.74 -5.86
CA THR A 272 0.18 13.30 -5.65
C THR A 272 -1.30 13.11 -5.35
N PRO A 273 -1.89 11.95 -5.74
CA PRO A 273 -3.29 11.65 -5.45
C PRO A 273 -3.48 11.11 -4.02
N LEU A 274 -4.75 10.93 -3.62
CA LEU A 274 -5.17 10.63 -2.23
C LEU A 274 -4.45 9.36 -1.76
N GLN A 275 -3.70 9.46 -0.67
CA GLN A 275 -2.86 8.36 -0.10
C GLN A 275 -3.73 7.42 0.74
N ASN A 276 -3.22 6.22 1.07
CA ASN A 276 -3.94 5.16 1.82
C ASN A 276 -3.14 4.79 3.08
N LYS A 277 -2.70 5.78 3.85
CA LYS A 277 -2.05 5.61 5.17
C LYS A 277 -2.79 6.48 6.20
N LEU A 278 -3.08 5.89 7.36
CA LEU A 278 -3.93 6.50 8.43
C LEU A 278 -3.28 7.79 8.92
N PRO A 279 -1.98 7.81 9.33
CA PRO A 279 -1.40 8.98 10.00
C PRO A 279 -1.43 10.23 9.12
N GLU A 280 -1.07 10.07 7.85
CA GLU A 280 -1.11 11.15 6.83
C GLU A 280 -2.55 11.67 6.72
N LEU A 281 -3.51 10.78 6.42
CA LEU A 281 -4.92 11.12 6.14
C LEU A 281 -5.58 11.81 7.35
N TRP A 282 -5.09 11.56 8.57
CA TRP A 282 -5.53 12.25 9.81
C TRP A 282 -5.20 13.74 9.69
N ALA A 283 -3.95 14.06 9.34
CA ALA A 283 -3.43 15.44 9.18
C ALA A 283 -4.21 16.12 8.07
N LEU A 284 -4.57 15.38 7.01
CA LEU A 284 -5.34 15.93 5.86
C LEU A 284 -6.76 16.26 6.32
N LEU A 285 -7.38 15.41 7.14
CA LEU A 285 -8.75 15.64 7.69
C LEU A 285 -8.76 16.89 8.58
N ASN A 286 -7.78 17.00 9.48
CA ASN A 286 -7.68 18.08 10.50
C ASN A 286 -7.20 19.40 9.85
N PHE A 287 -6.64 19.36 8.64
CA PHE A 287 -6.29 20.59 7.86
C PHE A 287 -7.51 21.04 7.06
N LEU A 288 -8.17 20.13 6.35
CA LEU A 288 -9.34 20.43 5.47
C LEU A 288 -10.60 20.69 6.30
N LEU A 289 -10.88 19.85 7.29
CA LEU A 289 -12.13 19.84 8.11
C LEU A 289 -11.77 19.81 9.60
N PRO A 290 -11.11 20.86 10.13
CA PRO A 290 -10.67 20.86 11.52
C PRO A 290 -11.83 20.85 12.53
N THR A 291 -13.01 21.34 12.11
CA THR A 291 -14.22 21.52 12.97
C THR A 291 -14.83 20.17 13.34
N ILE A 292 -14.46 19.08 12.67
CA ILE A 292 -15.05 17.74 12.89
C ILE A 292 -14.54 17.17 14.22
N PHE A 293 -13.25 17.36 14.53
CA PHE A 293 -12.59 16.77 15.74
C PHE A 293 -11.85 17.84 16.57
N LYS A 294 -11.80 19.10 16.10
CA LYS A 294 -11.28 20.26 16.86
C LYS A 294 -10.03 19.86 17.67
N SER A 295 -9.15 19.05 17.05
CA SER A 295 -7.95 18.41 17.69
C SER A 295 -6.67 18.79 16.97
N CYS A 296 -5.60 19.04 17.74
CA CYS A 296 -4.25 19.44 17.25
C CYS A 296 -3.26 18.32 17.54
N SER A 297 -3.67 17.08 17.32
CA SER A 297 -2.93 15.86 17.75
C SER A 297 -2.55 15.02 16.53
N THR A 298 -1.64 14.05 16.73
CA THR A 298 -1.41 12.91 15.82
C THR A 298 -2.52 11.88 16.07
N PHE A 299 -2.84 11.02 15.10
CA PHE A 299 -3.91 9.99 15.24
C PHE A 299 -3.61 9.13 16.46
N GLU A 300 -2.34 8.73 16.63
CA GLU A 300 -1.85 7.86 17.73
C GLU A 300 -2.21 8.49 19.09
N GLN A 301 -2.04 9.81 19.24
CA GLN A 301 -2.35 10.53 20.51
C GLN A 301 -3.86 10.69 20.65
N TRP A 302 -4.58 11.01 19.56
CA TRP A 302 -6.06 11.26 19.60
C TRP A 302 -6.79 9.99 20.04
N PHE A 303 -6.42 8.84 19.48
CA PHE A 303 -7.08 7.53 19.72
C PHE A 303 -6.78 7.05 21.15
N ASN A 304 -5.59 7.36 21.67
CA ASN A 304 -5.09 6.89 23.00
C ASN A 304 -5.53 7.84 24.11
N ALA A 305 -6.06 9.03 23.77
CA ALA A 305 -6.53 10.07 24.73
C ALA A 305 -7.21 9.44 25.94
N PRO A 306 -8.27 8.61 25.76
CA PRO A 306 -9.02 8.08 26.90
C PRO A 306 -8.26 7.13 27.83
N PHE A 307 -7.10 6.63 27.40
CA PHE A 307 -6.29 5.61 28.13
C PHE A 307 -5.04 6.26 28.73
N ALA A 308 -4.98 7.60 28.78
CA ALA A 308 -3.84 8.38 29.31
C ALA A 308 -3.54 7.96 30.75
N MET A 309 -4.59 7.75 31.56
CA MET A 309 -4.49 7.46 33.02
C MET A 309 -4.25 5.97 33.24
N THR A 310 -4.67 5.12 32.30
CA THR A 310 -4.37 3.66 32.26
C THR A 310 -2.85 3.43 32.22
N GLY A 311 -2.11 4.35 31.58
CA GLY A 311 -0.68 4.17 31.26
C GLY A 311 -0.46 2.98 30.35
N GLU A 312 -1.46 2.62 29.55
CA GLU A 312 -1.46 1.43 28.65
C GLU A 312 -1.92 1.87 27.26
N ARG A 313 -0.99 1.93 26.30
CA ARG A 313 -1.24 2.29 24.88
C ARG A 313 -2.28 1.34 24.30
N VAL A 314 -2.89 1.73 23.17
CA VAL A 314 -3.90 0.92 22.41
C VAL A 314 -3.54 1.02 20.92
N ASP A 315 -3.43 -0.12 20.24
CA ASP A 315 -2.99 -0.21 18.81
C ASP A 315 -4.08 -0.90 17.99
N LEU A 316 -4.48 -0.28 16.86
CA LEU A 316 -5.52 -0.81 15.94
C LEU A 316 -4.96 -2.05 15.22
N ASN A 317 -5.85 -3.00 14.89
CA ASN A 317 -5.52 -4.25 14.14
C ASN A 317 -5.78 -4.02 12.65
N GLU A 318 -5.67 -5.08 11.83
CA GLU A 318 -5.78 -5.01 10.35
C GLU A 318 -7.19 -4.51 9.98
N GLU A 319 -8.23 -5.23 10.42
CA GLU A 319 -9.66 -5.00 10.10
C GLU A 319 -10.02 -3.54 10.46
N GLU A 320 -9.76 -3.13 11.71
CA GLU A 320 -10.10 -1.82 12.30
C GLU A 320 -9.44 -0.66 11.54
N THR A 321 -8.17 -0.83 11.13
CA THR A 321 -7.38 0.17 10.36
C THR A 321 -8.05 0.44 9.01
N ILE A 322 -8.08 -0.57 8.13
CA ILE A 322 -8.61 -0.50 6.73
C ILE A 322 -9.92 0.30 6.73
N LEU A 323 -10.79 0.10 7.72
CA LEU A 323 -12.11 0.75 7.81
C LEU A 323 -11.93 2.25 8.01
N ILE A 324 -11.05 2.67 8.93
CA ILE A 324 -10.76 4.10 9.22
C ILE A 324 -10.28 4.74 7.92
N ILE A 325 -9.30 4.10 7.27
CA ILE A 325 -8.66 4.52 5.99
C ILE A 325 -9.73 4.62 4.90
N ARG A 326 -10.54 3.57 4.72
CA ARG A 326 -11.57 3.47 3.65
C ARG A 326 -12.57 4.63 3.82
N ARG A 327 -12.85 5.04 5.07
CA ARG A 327 -13.82 6.13 5.40
C ARG A 327 -13.20 7.49 5.09
N LEU A 328 -12.08 7.83 5.74
CA LEU A 328 -11.36 9.12 5.57
C LEU A 328 -11.21 9.40 4.07
N HIS A 329 -10.81 8.40 3.29
CA HIS A 329 -10.81 8.40 1.80
C HIS A 329 -12.15 8.97 1.29
N LYS A 330 -13.28 8.40 1.72
CA LYS A 330 -14.65 8.75 1.23
C LYS A 330 -15.03 10.17 1.67
N VAL A 331 -14.52 10.63 2.82
CA VAL A 331 -14.83 11.97 3.40
C VAL A 331 -14.09 13.04 2.59
N LEU A 332 -12.83 12.77 2.22
CA LEU A 332 -11.91 13.75 1.59
C LEU A 332 -12.11 13.77 0.07
N ARG A 333 -12.62 12.68 -0.52
CA ARG A 333 -12.66 12.46 -1.99
C ARG A 333 -13.33 13.63 -2.70
N PRO A 334 -14.51 14.11 -2.24
CA PRO A 334 -15.27 15.12 -2.97
C PRO A 334 -14.61 16.51 -3.00
N PHE A 335 -13.60 16.72 -2.15
CA PHE A 335 -12.92 18.04 -1.97
C PHE A 335 -11.63 18.10 -2.78
N LEU A 336 -11.35 17.08 -3.60
CA LEU A 336 -10.06 16.93 -4.34
C LEU A 336 -10.29 16.98 -5.84
N LEU A 337 -9.76 18.02 -6.50
CA LEU A 337 -9.71 18.17 -7.98
C LEU A 337 -8.30 17.82 -8.45
N ARG A 338 -8.20 16.87 -9.38
CA ARG A 338 -6.93 16.37 -9.98
C ARG A 338 -7.18 16.13 -11.47
N ARG A 339 -6.59 16.97 -12.31
CA ARG A 339 -6.55 16.79 -13.78
C ARG A 339 -5.14 16.29 -14.16
N LEU A 340 -5.10 15.29 -15.05
CA LEU A 340 -3.85 14.66 -15.57
C LEU A 340 -3.49 15.32 -16.90
N LYS A 341 -2.18 15.35 -17.23
CA LYS A 341 -1.63 15.99 -18.45
C LYS A 341 -2.31 15.43 -19.69
N LYS A 342 -2.68 14.15 -19.66
CA LYS A 342 -3.29 13.42 -20.81
C LYS A 342 -4.73 13.88 -21.01
N GLU A 343 -5.48 14.13 -19.93
CA GLU A 343 -6.89 14.62 -19.99
C GLU A 343 -6.98 15.95 -20.75
N VAL A 344 -6.02 16.87 -20.57
CA VAL A 344 -6.05 18.25 -21.16
C VAL A 344 -4.89 18.45 -22.13
N GLU A 345 -4.47 17.39 -22.82
CA GLU A 345 -3.26 17.36 -23.69
C GLU A 345 -3.26 18.57 -24.61
N SER A 346 -4.40 18.92 -25.22
CA SER A 346 -4.53 19.96 -26.28
C SER A 346 -4.60 21.37 -25.66
N GLN A 347 -4.29 21.52 -24.37
CA GLN A 347 -4.31 22.83 -23.67
C GLN A 347 -3.05 23.01 -22.80
N LEU A 348 -2.08 22.09 -22.86
CA LEU A 348 -0.87 22.14 -22.02
C LEU A 348 -0.10 23.41 -22.36
N PRO A 349 0.53 24.08 -21.37
CA PRO A 349 1.27 25.31 -21.64
C PRO A 349 2.45 24.98 -22.58
N GLU A 350 2.77 25.89 -23.50
CA GLU A 350 3.82 25.70 -24.54
C GLU A 350 5.19 26.02 -23.93
N LYS A 351 5.26 27.07 -23.10
CA LYS A 351 6.49 27.51 -22.37
C LYS A 351 6.27 27.23 -20.87
N VAL A 352 7.08 26.35 -20.29
CA VAL A 352 7.05 25.97 -18.84
C VAL A 352 8.36 26.40 -18.20
N GLU A 353 8.31 27.40 -17.31
CA GLU A 353 9.48 28.09 -16.71
C GLU A 353 9.58 27.71 -15.23
N TYR A 354 10.79 27.53 -14.71
CA TYR A 354 11.08 27.28 -13.28
C TYR A 354 12.44 27.91 -12.92
N VAL A 355 12.63 28.26 -11.65
CA VAL A 355 13.92 28.79 -11.08
C VAL A 355 14.49 27.72 -10.15
N ILE A 356 15.72 27.26 -10.44
CA ILE A 356 16.43 26.20 -9.67
C ILE A 356 17.59 26.85 -8.90
N LYS A 357 17.83 26.38 -7.66
CA LYS A 357 18.69 27.08 -6.68
C LYS A 357 19.98 26.30 -6.42
N CYS A 358 21.05 27.03 -6.09
CA CYS A 358 22.42 26.53 -5.86
C CYS A 358 22.92 26.99 -4.49
N ASP A 359 23.44 26.08 -3.67
CA ASP A 359 24.36 26.43 -2.57
C ASP A 359 25.65 26.98 -3.20
N MET A 360 26.57 27.45 -2.36
CA MET A 360 27.95 27.80 -2.74
C MET A 360 28.89 26.71 -2.22
N SER A 361 29.96 26.42 -2.95
CA SER A 361 31.13 25.70 -2.39
C SER A 361 31.64 26.49 -1.19
N ALA A 362 32.38 25.85 -0.29
CA ALA A 362 33.14 26.52 0.79
C ALA A 362 34.02 27.62 0.18
N LEU A 363 34.65 27.34 -0.97
CA LEU A 363 35.55 28.28 -1.69
C LEU A 363 34.74 29.49 -2.15
N GLN A 364 33.63 29.25 -2.84
CA GLN A 364 32.69 30.31 -3.31
C GLN A 364 32.39 31.27 -2.16
N LYS A 365 32.05 30.73 -0.97
CA LYS A 365 31.71 31.53 0.24
C LYS A 365 32.84 32.54 0.52
N ILE A 366 34.05 32.03 0.79
CA ILE A 366 35.24 32.82 1.25
C ILE A 366 35.56 33.92 0.24
N LEU A 367 35.54 33.61 -1.06
CA LEU A 367 35.80 34.58 -2.15
C LEU A 367 34.70 35.65 -2.14
N TYR A 368 33.44 35.23 -1.99
CA TYR A 368 32.23 36.10 -1.96
C TYR A 368 32.36 37.11 -0.81
N ARG A 369 32.59 36.60 0.41
CA ARG A 369 32.70 37.41 1.65
C ARG A 369 33.80 38.47 1.47
N HIS A 370 34.87 38.13 0.74
CA HIS A 370 36.06 38.99 0.49
C HIS A 370 35.69 40.16 -0.43
N MET A 371 35.12 39.86 -1.60
CA MET A 371 34.74 40.84 -2.64
C MET A 371 33.55 41.69 -2.15
N GLN A 372 32.77 41.20 -1.19
CA GLN A 372 31.62 41.92 -0.59
C GLN A 372 32.16 43.03 0.33
N ALA A 373 32.91 42.64 1.37
CA ALA A 373 33.42 43.54 2.44
C ALA A 373 34.71 44.25 1.98
N LYS A 374 35.00 44.24 0.68
CA LYS A 374 36.04 45.10 0.03
C LYS A 374 35.34 46.31 -0.59
N GLY A 375 34.17 46.12 -1.21
CA GLY A 375 33.30 47.21 -1.71
C GLY A 375 32.73 48.02 -0.56
N ALA A 392 28.54 55.43 -9.21
CA ALA A 392 29.90 54.92 -9.53
C ALA A 392 29.81 53.67 -10.40
N LYS A 393 30.83 53.44 -11.24
CA LYS A 393 31.01 52.21 -12.06
C LYS A 393 32.06 51.32 -11.38
N THR A 394 32.41 51.65 -10.12
CA THR A 394 33.15 50.78 -9.16
C THR A 394 32.19 49.70 -8.64
N LEU A 395 30.99 50.09 -8.23
CA LEU A 395 29.89 49.19 -7.79
C LEU A 395 29.58 48.21 -8.93
N MET A 396 29.27 48.75 -10.11
CA MET A 396 29.02 47.98 -11.35
C MET A 396 30.06 46.86 -11.46
N ASN A 397 31.32 47.18 -11.11
CA ASN A 397 32.49 46.24 -11.16
C ASN A 397 32.40 45.20 -10.05
N THR A 398 32.05 45.60 -8.82
CA THR A 398 31.92 44.68 -7.65
C THR A 398 30.83 43.65 -7.94
N ILE A 399 29.80 44.01 -8.70
CA ILE A 399 28.69 43.09 -9.12
C ILE A 399 29.21 42.12 -10.21
N MET A 400 30.20 42.51 -11.02
CA MET A 400 30.85 41.61 -12.00
C MET A 400 31.60 40.49 -11.27
N GLN A 401 32.42 40.84 -10.28
CA GLN A 401 33.29 39.88 -9.53
C GLN A 401 32.42 38.89 -8.76
N LEU A 402 31.34 39.36 -8.12
CA LEU A 402 30.40 38.50 -7.34
C LEU A 402 29.68 37.52 -8.28
N ARG A 403 29.38 37.93 -9.52
CA ARG A 403 28.77 37.06 -10.57
C ARG A 403 29.75 35.97 -11.00
N LYS A 404 31.05 36.28 -11.08
CA LYS A 404 32.09 35.32 -11.51
C LYS A 404 32.22 34.21 -10.47
N ILE A 405 32.15 34.56 -9.18
CA ILE A 405 32.27 33.62 -8.04
C ILE A 405 31.12 32.61 -8.09
N CYS A 406 29.87 33.11 -8.10
CA CYS A 406 28.63 32.30 -8.23
C CYS A 406 28.73 31.40 -9.47
N ASN A 407 29.34 31.92 -10.55
CA ASN A 407 29.56 31.18 -11.82
C ASN A 407 30.61 30.08 -11.60
N HIS A 408 31.84 30.43 -11.24
CA HIS A 408 32.93 29.45 -10.93
C HIS A 408 34.12 30.15 -10.26
N PRO A 409 34.59 29.67 -9.08
CA PRO A 409 35.83 30.18 -8.48
C PRO A 409 37.10 30.03 -9.33
N TYR A 410 37.18 29.01 -10.19
CA TYR A 410 38.36 28.73 -11.06
C TYR A 410 38.35 29.64 -12.30
N MET A 411 37.41 30.58 -12.42
CA MET A 411 37.53 31.72 -13.36
C MET A 411 38.77 32.52 -12.97
N PHE A 412 39.01 32.67 -11.67
CA PHE A 412 40.25 33.26 -11.08
C PHE A 412 41.38 32.26 -11.25
N GLN A 413 42.24 32.49 -12.23
CA GLN A 413 43.26 31.51 -12.71
C GLN A 413 44.17 31.09 -11.54
N HIS A 414 44.60 32.05 -10.71
CA HIS A 414 45.61 31.84 -9.64
C HIS A 414 45.01 31.05 -8.48
N ILE A 415 43.68 31.07 -8.33
CA ILE A 415 42.92 30.28 -7.31
C ILE A 415 42.91 28.81 -7.75
N GLU A 416 42.66 28.57 -9.04
CA GLU A 416 42.56 27.23 -9.67
C GLU A 416 43.92 26.52 -9.52
N GLU A 417 45.01 27.22 -9.84
CA GLU A 417 46.39 26.67 -9.92
C GLU A 417 46.85 26.19 -8.53
N SER A 418 46.61 27.00 -7.49
CA SER A 418 47.05 26.76 -6.09
C SER A 418 46.25 25.62 -5.47
N PHE A 419 44.97 25.49 -5.83
CA PHE A 419 44.03 24.45 -5.31
C PHE A 419 44.37 23.08 -5.91
N ALA A 420 44.71 23.05 -7.20
CA ALA A 420 45.17 21.84 -7.92
C ALA A 420 46.41 21.26 -7.21
N GLU A 421 47.35 22.10 -6.78
CA GLU A 421 48.58 21.68 -6.03
C GLU A 421 48.16 20.86 -4.81
N HIS A 422 47.10 21.31 -4.12
CA HIS A 422 46.60 20.79 -2.82
C HIS A 422 45.62 19.62 -3.04
N LEU A 423 44.91 19.60 -4.17
CA LEU A 423 43.93 18.53 -4.52
C LEU A 423 44.65 17.30 -5.10
N GLY A 424 45.94 17.42 -5.43
CA GLY A 424 46.83 16.30 -5.84
C GLY A 424 47.20 16.34 -7.32
N TYR A 425 47.06 17.50 -7.99
CA TYR A 425 47.45 17.75 -9.40
C TYR A 425 48.75 18.55 -9.43
N SER A 426 49.88 17.91 -9.73
CA SER A 426 51.20 18.55 -9.94
C SER A 426 51.10 19.52 -11.13
N ASN A 427 50.47 19.07 -12.22
CA ASN A 427 50.34 19.82 -13.50
C ASN A 427 49.71 21.21 -13.24
N GLY A 428 48.74 21.30 -12.33
CA GLY A 428 48.07 22.57 -11.99
C GLY A 428 46.84 22.82 -12.84
N VAL A 429 46.32 21.78 -13.51
CA VAL A 429 45.05 21.83 -14.31
C VAL A 429 44.03 20.88 -13.68
N ILE A 430 42.96 21.44 -13.10
CA ILE A 430 41.85 20.71 -12.43
C ILE A 430 41.07 19.95 -13.51
N ASN A 431 40.63 18.73 -13.21
CA ASN A 431 39.86 17.88 -14.15
C ASN A 431 38.93 16.95 -13.35
N GLY A 432 38.12 16.17 -14.08
CA GLY A 432 37.13 15.22 -13.54
C GLY A 432 35.97 15.92 -12.86
N ALA A 433 35.56 15.40 -11.71
CA ALA A 433 34.44 15.91 -10.88
C ALA A 433 34.80 17.26 -10.27
N GLU A 434 36.07 17.44 -9.88
CA GLU A 434 36.58 18.63 -9.15
C GLU A 434 36.20 19.92 -9.89
N LEU A 435 35.93 19.84 -11.20
CA LEU A 435 35.40 20.96 -12.02
C LEU A 435 34.07 21.44 -11.43
N TYR A 436 33.09 20.54 -11.30
CA TYR A 436 31.71 20.85 -10.85
C TYR A 436 31.65 21.01 -9.32
N ARG A 437 32.57 20.39 -8.57
CA ARG A 437 32.54 20.33 -7.08
C ARG A 437 32.78 21.72 -6.47
N ALA A 438 33.45 22.62 -7.20
CA ALA A 438 33.89 23.95 -6.71
C ALA A 438 32.82 25.02 -6.95
N SER A 439 31.74 24.68 -7.68
CA SER A 439 30.65 25.62 -8.02
C SER A 439 29.28 24.97 -7.82
N GLY A 440 28.45 25.57 -6.95
CA GLY A 440 27.05 25.19 -6.75
C GLY A 440 26.34 25.01 -8.07
N LYS A 441 26.50 25.98 -9.00
CA LYS A 441 25.76 26.05 -10.29
C LYS A 441 26.18 24.91 -11.22
N PHE A 442 27.48 24.65 -11.32
CA PHE A 442 28.05 23.57 -12.17
C PHE A 442 27.61 22.21 -11.62
N GLU A 443 27.66 22.05 -10.29
CA GLU A 443 27.25 20.79 -9.60
C GLU A 443 25.76 20.50 -9.86
N LEU A 444 24.92 21.54 -9.83
CA LEU A 444 23.45 21.44 -10.09
C LEU A 444 23.22 21.09 -11.56
N LEU A 445 23.87 21.81 -12.48
CA LEU A 445 23.83 21.56 -13.96
C LEU A 445 24.17 20.09 -14.25
N ASP A 446 25.11 19.52 -13.50
CA ASP A 446 25.54 18.10 -13.64
C ASP A 446 24.37 17.15 -13.30
N ARG A 447 23.34 17.63 -12.58
CA ARG A 447 22.14 16.84 -12.21
C ARG A 447 20.96 17.17 -13.13
N ILE A 448 21.14 18.07 -14.11
CA ILE A 448 20.10 18.48 -15.11
C ILE A 448 20.43 17.80 -16.45
N LEU A 449 21.63 18.05 -16.98
CA LEU A 449 22.00 17.75 -18.39
C LEU A 449 21.96 16.24 -18.65
N PRO A 450 22.65 15.38 -17.87
CA PRO A 450 22.57 13.94 -18.09
C PRO A 450 21.10 13.51 -18.27
N LYS A 451 20.23 13.94 -17.36
CA LYS A 451 18.78 13.60 -17.37
C LYS A 451 18.18 14.04 -18.71
N LEU A 452 18.37 15.30 -19.08
CA LEU A 452 17.83 15.86 -20.35
C LEU A 452 18.32 15.02 -21.53
N ARG A 453 19.60 14.61 -21.53
CA ARG A 453 20.23 13.85 -22.65
C ARG A 453 19.61 12.45 -22.75
N ALA A 454 19.42 11.78 -21.61
CA ALA A 454 18.84 10.42 -21.50
C ALA A 454 17.41 10.38 -22.07
N THR A 455 16.73 11.53 -22.20
CA THR A 455 15.35 11.65 -22.75
C THR A 455 15.40 12.29 -24.15
N ASN A 456 16.59 12.33 -24.77
CA ASN A 456 16.83 12.82 -26.15
C ASN A 456 16.29 14.25 -26.31
N HIS A 457 16.38 15.07 -25.25
CA HIS A 457 16.04 16.52 -25.29
C HIS A 457 17.28 17.30 -25.72
N ARG A 458 17.08 18.36 -26.49
CA ARG A 458 18.19 19.16 -27.09
C ARG A 458 18.16 20.55 -26.44
N VAL A 459 19.20 20.87 -25.67
CA VAL A 459 19.28 22.05 -24.78
C VAL A 459 19.81 23.26 -25.57
N LEU A 460 19.46 24.47 -25.12
CA LEU A 460 20.09 25.76 -25.52
C LEU A 460 20.54 26.45 -24.22
N LEU A 461 21.85 26.57 -24.02
CA LEU A 461 22.44 27.06 -22.75
C LEU A 461 23.07 28.45 -22.95
N PHE A 462 22.44 29.50 -22.40
CA PHE A 462 22.91 30.91 -22.44
C PHE A 462 24.04 31.08 -21.41
N CYS A 463 25.13 31.75 -21.81
CA CYS A 463 26.29 32.09 -20.95
C CYS A 463 26.83 33.47 -21.35
N GLN A 464 26.32 34.52 -20.72
CA GLN A 464 26.61 35.96 -21.02
C GLN A 464 28.11 36.23 -20.94
N MET A 465 28.83 35.58 -20.01
CA MET A 465 30.30 35.76 -19.82
C MET A 465 31.05 34.85 -20.79
N THR A 466 31.88 35.43 -21.66
CA THR A 466 32.68 34.72 -22.69
C THR A 466 33.92 34.10 -22.03
N SER A 467 34.33 34.62 -20.86
CA SER A 467 35.42 34.07 -20.00
C SER A 467 35.07 32.66 -19.53
N LEU A 468 33.81 32.47 -19.11
CA LEU A 468 33.29 31.24 -18.47
C LEU A 468 33.31 30.07 -19.46
N MET A 469 33.11 30.36 -20.75
CA MET A 469 32.92 29.36 -21.83
C MET A 469 34.11 28.38 -21.93
N THR A 470 35.33 28.80 -21.59
CA THR A 470 36.51 27.91 -21.50
C THR A 470 36.21 26.77 -20.51
N ILE A 471 35.63 27.11 -19.35
CA ILE A 471 35.37 26.15 -18.22
C ILE A 471 34.12 25.33 -18.55
N MET A 472 33.14 25.94 -19.21
CA MET A 472 31.92 25.26 -19.72
C MET A 472 32.33 24.15 -20.70
N GLU A 473 33.12 24.51 -21.72
CA GLU A 473 33.63 23.58 -22.79
C GLU A 473 34.41 22.43 -22.14
N ASP A 474 35.27 22.73 -21.15
CA ASP A 474 36.07 21.73 -20.38
C ASP A 474 35.14 20.82 -19.58
N TYR A 475 33.98 21.31 -19.12
CA TYR A 475 32.98 20.49 -18.39
C TYR A 475 32.27 19.53 -19.37
N PHE A 476 31.81 20.04 -20.52
CA PHE A 476 31.13 19.23 -21.57
C PHE A 476 32.09 18.15 -22.07
N ALA A 477 33.38 18.50 -22.22
CA ALA A 477 34.48 17.56 -22.57
C ALA A 477 34.47 16.39 -21.59
N PHE A 478 34.45 16.68 -20.29
CA PHE A 478 34.44 15.70 -19.17
C PHE A 478 33.23 14.75 -19.26
N ARG A 479 32.04 15.27 -19.54
CA ARG A 479 30.77 14.47 -19.57
C ARG A 479 30.49 13.98 -20.99
N ASN A 480 31.33 14.37 -21.95
CA ASN A 480 31.28 13.94 -23.37
C ASN A 480 29.93 14.33 -23.97
N PHE A 481 29.55 15.60 -23.84
CA PHE A 481 28.36 16.21 -24.48
C PHE A 481 28.79 16.88 -25.77
N LEU A 482 28.27 16.43 -26.91
CA LEU A 482 28.49 17.05 -28.25
C LEU A 482 27.78 18.41 -28.28
N TYR A 483 28.47 19.46 -28.75
CA TYR A 483 27.98 20.86 -28.64
C TYR A 483 28.54 21.74 -29.75
N LEU A 484 27.87 22.86 -29.99
CA LEU A 484 28.34 24.00 -30.81
C LEU A 484 28.38 25.25 -29.92
N ARG A 485 29.30 26.19 -30.24
CA ARG A 485 29.52 27.47 -29.52
C ARG A 485 29.24 28.64 -30.49
N LEU A 486 28.64 29.73 -29.99
CA LEU A 486 28.33 30.96 -30.77
C LEU A 486 28.58 32.20 -29.90
N ASP A 487 29.53 33.06 -30.30
CA ASP A 487 29.96 34.27 -29.58
C ASP A 487 29.75 35.52 -30.44
N GLY A 488 30.13 36.69 -29.91
CA GLY A 488 30.30 37.93 -30.67
C GLY A 488 31.63 37.97 -31.43
N THR A 489 32.42 36.88 -31.38
CA THR A 489 33.67 36.67 -32.17
C THR A 489 33.40 35.69 -33.32
N THR A 490 32.16 35.65 -33.80
CA THR A 490 31.65 34.74 -34.86
C THR A 490 31.09 35.60 -36.01
N LYS A 491 31.60 35.43 -37.24
CA LYS A 491 31.17 36.19 -38.44
C LYS A 491 29.85 35.61 -38.97
N SER A 492 29.08 36.41 -39.71
CA SER A 492 27.73 36.05 -40.27
C SER A 492 27.80 34.77 -41.12
N GLU A 493 28.93 34.53 -41.79
CA GLU A 493 29.15 33.31 -42.63
C GLU A 493 29.18 32.09 -41.70
N ASP A 494 30.03 32.12 -40.67
CA ASP A 494 30.23 31.04 -39.67
C ASP A 494 28.91 30.81 -38.91
N ARG A 495 28.25 31.89 -38.46
CA ARG A 495 26.96 31.88 -37.72
C ARG A 495 25.97 30.97 -38.46
N ALA A 496 25.56 31.38 -39.67
CA ALA A 496 24.54 30.70 -40.52
C ALA A 496 24.77 29.18 -40.51
N ALA A 497 26.02 28.75 -40.76
CA ALA A 497 26.45 27.33 -40.86
C ALA A 497 26.20 26.60 -39.53
N LEU A 498 26.65 27.20 -38.41
CA LEU A 498 26.48 26.66 -37.03
C LEU A 498 25.00 26.34 -36.77
N LEU A 499 24.12 27.31 -37.03
CA LEU A 499 22.64 27.17 -36.86
C LEU A 499 22.13 26.02 -37.73
N LYS A 500 22.55 25.95 -39.00
CA LYS A 500 22.10 24.91 -39.96
C LYS A 500 22.47 23.52 -39.43
N LYS A 501 23.64 23.41 -38.79
CA LYS A 501 24.20 22.13 -38.29
C LYS A 501 23.31 21.59 -37.15
N PHE A 502 22.94 22.47 -36.22
CA PHE A 502 22.12 22.15 -35.02
C PHE A 502 20.69 21.79 -35.45
N ASN A 503 20.19 22.42 -36.52
CA ASN A 503 18.76 22.44 -36.89
C ASN A 503 18.43 21.31 -37.88
N GLU A 504 19.41 20.82 -38.63
CA GLU A 504 19.14 19.73 -39.62
C GLU A 504 18.69 18.49 -38.86
N PRO A 505 17.60 17.82 -39.29
CA PRO A 505 17.07 16.65 -38.58
C PRO A 505 18.08 15.50 -38.45
N GLY A 506 18.36 15.09 -37.20
CA GLY A 506 19.31 14.01 -36.86
C GLY A 506 20.57 14.53 -36.20
N SER A 507 20.81 15.85 -36.24
CA SER A 507 22.00 16.51 -35.65
C SER A 507 22.25 15.90 -34.27
N GLN A 508 23.46 15.36 -34.05
CA GLN A 508 23.89 14.71 -32.78
C GLN A 508 24.39 15.78 -31.80
N TYR A 509 24.33 17.06 -32.17
CA TYR A 509 24.73 18.21 -31.33
C TYR A 509 23.66 18.42 -30.25
N PHE A 510 23.96 18.02 -29.01
CA PHE A 510 23.03 17.99 -27.85
C PHE A 510 22.83 19.41 -27.29
N ILE A 511 23.92 20.10 -26.95
CA ILE A 511 23.92 21.46 -26.34
C ILE A 511 24.30 22.50 -27.40
N PHE A 512 23.66 23.67 -27.37
CA PHE A 512 24.02 24.88 -28.17
C PHE A 512 24.41 26.02 -27.21
N LEU A 513 25.71 26.11 -26.91
CA LEU A 513 26.33 27.14 -26.04
C LEU A 513 26.27 28.48 -26.77
N LEU A 514 25.72 29.52 -26.14
CA LEU A 514 25.44 30.84 -26.78
C LEU A 514 25.87 31.99 -25.86
N SER A 515 26.27 33.11 -26.45
CA SER A 515 26.67 34.37 -25.76
C SER A 515 25.62 35.47 -26.08
N THR A 516 24.90 35.92 -25.06
CA THR A 516 23.55 36.57 -25.15
C THR A 516 23.65 37.92 -25.90
N ARG A 517 23.88 37.86 -27.22
CA ARG A 517 24.02 39.04 -28.10
C ARG A 517 23.00 38.94 -29.25
N GLY A 522 16.97 36.92 -32.48
CA GLY A 522 17.72 36.98 -33.75
C GLY A 522 18.01 35.59 -34.32
N LEU A 523 18.20 34.60 -33.45
CA LEU A 523 18.61 33.21 -33.82
C LEU A 523 17.44 32.26 -33.55
N ASN A 524 17.08 31.44 -34.55
CA ASN A 524 15.91 30.53 -34.53
C ASN A 524 16.36 29.07 -34.36
N LEU A 525 16.38 28.58 -33.11
CA LEU A 525 16.78 27.19 -32.75
C LEU A 525 15.56 26.37 -32.36
N GLN A 526 14.60 26.22 -33.28
CA GLN A 526 13.34 25.45 -33.08
C GLN A 526 13.64 24.00 -32.71
N ALA A 527 14.81 23.48 -33.12
CA ALA A 527 15.32 22.13 -32.77
C ALA A 527 15.49 21.99 -31.25
N ALA A 528 15.82 23.09 -30.55
CA ALA A 528 16.02 23.14 -29.09
C ALA A 528 14.66 23.20 -28.38
N ASP A 529 14.39 22.24 -27.51
CA ASP A 529 13.11 22.13 -26.77
C ASP A 529 13.35 22.30 -25.27
N THR A 530 14.54 22.79 -24.88
CA THR A 530 14.96 23.02 -23.48
C THR A 530 15.95 24.19 -23.46
N VAL A 531 15.78 25.14 -22.54
CA VAL A 531 16.59 26.38 -22.48
C VAL A 531 17.11 26.57 -21.05
N VAL A 532 18.39 26.31 -20.81
CA VAL A 532 19.07 26.54 -19.49
C VAL A 532 19.73 27.91 -19.55
N ILE A 533 19.13 28.92 -18.87
CA ILE A 533 19.77 30.24 -18.65
C ILE A 533 20.79 30.07 -17.53
N PHE A 534 22.07 30.34 -17.79
CA PHE A 534 23.20 30.09 -16.86
C PHE A 534 23.60 31.38 -16.14
N ASP A 535 23.63 32.53 -16.84
CA ASP A 535 23.71 33.89 -16.21
C ASP A 535 23.13 34.93 -17.17
N SER A 536 22.20 35.77 -16.66
CA SER A 536 21.27 36.63 -17.45
C SER A 536 21.49 38.11 -17.10
N ASP A 537 20.47 38.96 -17.35
CA ASP A 537 20.25 40.30 -16.74
C ASP A 537 18.78 40.43 -16.32
N ASN A 550 6.67 19.89 -29.21
CA ASN A 550 7.09 21.30 -29.44
C ASN A 550 6.82 22.17 -28.19
N GLU A 551 6.84 21.57 -26.99
CA GLU A 551 6.82 22.30 -25.70
C GLU A 551 8.25 22.72 -25.36
N VAL A 552 8.45 23.96 -24.90
CA VAL A 552 9.79 24.55 -24.55
C VAL A 552 9.90 24.65 -23.03
N ARG A 553 10.82 23.88 -22.43
CA ARG A 553 11.12 23.87 -20.97
C ARG A 553 12.27 24.84 -20.69
N VAL A 554 12.03 25.89 -19.90
CA VAL A 554 13.06 26.92 -19.53
C VAL A 554 13.46 26.73 -18.07
N LEU A 555 14.77 26.70 -17.79
CA LEU A 555 15.32 26.51 -16.43
C LEU A 555 16.38 27.59 -16.18
N ARG A 556 16.04 28.61 -15.39
CA ARG A 556 16.99 29.65 -14.93
C ARG A 556 17.65 29.14 -13.65
N LEU A 557 18.98 28.94 -13.67
CA LEU A 557 19.76 28.66 -12.44
C LEU A 557 19.93 29.97 -11.69
N CYS A 558 20.12 29.91 -10.36
CA CYS A 558 20.23 31.08 -9.47
C CYS A 558 20.86 30.66 -8.15
N THR A 559 21.96 31.32 -7.76
CA THR A 559 22.69 31.03 -6.50
C THR A 559 21.85 31.48 -5.31
N VAL A 560 22.01 30.82 -4.16
CA VAL A 560 21.28 31.13 -2.89
C VAL A 560 22.00 32.27 -2.18
N ASN A 561 21.23 33.16 -1.54
CA ASN A 561 21.72 34.36 -0.81
C ASN A 561 22.90 34.93 -1.60
N SER A 562 22.65 35.29 -2.87
CA SER A 562 23.65 35.89 -3.78
C SER A 562 23.05 37.12 -4.45
N VAL A 563 23.86 37.82 -5.25
CA VAL A 563 23.43 38.97 -6.10
C VAL A 563 22.44 38.45 -7.14
N GLU A 564 22.64 37.22 -7.63
CA GLU A 564 21.86 36.58 -8.73
C GLU A 564 20.36 36.61 -8.38
N GLU A 565 20.02 36.47 -7.09
CA GLU A 565 18.62 36.58 -6.60
C GLU A 565 18.11 38.01 -6.84
N LYS A 566 18.97 39.01 -6.63
CA LYS A 566 18.59 40.45 -6.63
C LYS A 566 18.39 40.95 -8.07
N ILE A 567 19.14 40.40 -9.02
CA ILE A 567 19.03 40.77 -10.46
C ILE A 567 17.70 40.25 -10.99
N LEU A 568 17.31 39.03 -10.59
CA LEU A 568 16.01 38.39 -10.97
C LEU A 568 14.84 39.30 -10.55
N ALA A 569 14.91 39.92 -9.36
CA ALA A 569 13.91 40.90 -8.86
C ALA A 569 13.94 42.15 -9.75
N ALA A 570 13.04 42.23 -10.74
CA ALA A 570 12.96 43.29 -11.77
C ALA A 570 11.67 43.11 -12.59
N SER A 592 18.63 61.17 -12.94
CA SER A 592 18.37 60.36 -11.72
C SER A 592 19.63 59.55 -11.35
N SER A 593 20.79 60.22 -11.32
CA SER A 593 22.13 59.61 -11.17
C SER A 593 22.49 59.39 -9.69
N HIS A 594 21.77 60.03 -8.76
CA HIS A 594 21.82 59.71 -7.30
C HIS A 594 21.00 58.44 -7.03
N GLU A 595 19.91 58.25 -7.80
CA GLU A 595 18.92 57.16 -7.58
C GLU A 595 19.35 55.88 -8.32
N ARG A 596 20.12 55.99 -9.40
CA ARG A 596 20.64 54.83 -10.18
C ARG A 596 21.86 54.22 -9.46
N ARG A 597 22.49 54.97 -8.56
CA ARG A 597 23.58 54.48 -7.67
C ARG A 597 22.95 53.77 -6.46
N ALA A 598 21.83 54.28 -5.94
CA ALA A 598 21.08 53.71 -4.81
C ALA A 598 20.40 52.40 -5.24
N PHE A 599 20.16 52.22 -6.54
CA PHE A 599 19.59 50.99 -7.13
C PHE A 599 20.66 49.89 -7.21
N LEU A 600 21.91 50.26 -7.55
CA LEU A 600 23.04 49.30 -7.64
C LEU A 600 23.50 48.87 -6.24
N GLN A 601 23.22 49.68 -5.22
CA GLN A 601 23.55 49.36 -3.80
C GLN A 601 22.45 48.49 -3.18
N ALA A 602 21.21 48.56 -3.70
CA ALA A 602 20.08 47.66 -3.34
C ALA A 602 20.33 46.26 -3.92
N ILE A 603 21.07 46.19 -5.04
CA ILE A 603 21.57 44.93 -5.66
C ILE A 603 22.62 44.29 -4.74
N LEU A 604 23.37 45.10 -3.98
CA LEU A 604 24.56 44.65 -3.19
C LEU A 604 24.21 44.41 -1.71
N GLU A 605 22.96 44.62 -1.28
CA GLU A 605 22.56 44.55 0.15
C GLU A 605 22.56 43.09 0.63
N HIS A 606 23.74 42.50 0.80
CA HIS A 606 23.92 41.09 1.22
C HIS A 606 23.89 41.02 2.76
N GLU A 607 23.55 39.83 3.29
CA GLU A 607 23.46 39.54 4.75
C GLU A 607 23.68 38.03 4.94
N GLU A 608 24.70 37.62 5.68
CA GLU A 608 25.02 36.18 5.92
C GLU A 608 23.88 35.58 6.75
N GLU A 609 23.46 34.36 6.42
CA GLU A 609 22.24 33.70 6.97
C GLU A 609 22.56 32.29 7.48
N ASN A 610 21.72 31.79 8.37
CA ASN A 610 21.78 30.38 8.88
C ASN A 610 20.35 29.93 9.16
N GLU A 611 19.57 29.71 8.08
CA GLU A 611 18.18 29.18 8.14
C GLU A 611 18.23 27.69 8.48
N GLU A 612 17.09 27.12 8.84
CA GLU A 612 16.95 25.68 9.23
C GLU A 612 16.79 24.84 7.97
N GLU A 613 15.80 25.16 7.13
CA GLU A 613 15.38 24.39 5.94
C GLU A 613 16.42 24.58 4.83
N ASP A 614 16.59 23.54 3.99
CA ASP A 614 17.46 23.56 2.78
C ASP A 614 16.88 24.56 1.77
N GLU A 615 17.67 25.51 1.27
CA GLU A 615 17.20 26.47 0.24
C GLU A 615 17.38 25.85 -1.15
N VAL A 616 18.08 24.72 -1.26
CA VAL A 616 18.25 23.93 -2.53
C VAL A 616 17.20 22.82 -2.55
N PRO A 617 16.60 22.51 -3.71
CA PRO A 617 15.55 21.49 -3.79
C PRO A 617 16.08 20.07 -3.51
N ASP A 618 15.21 19.18 -3.01
CA ASP A 618 15.51 17.72 -2.95
C ASP A 618 15.37 17.14 -4.36
N ASP A 619 15.63 15.84 -4.54
CA ASP A 619 15.62 15.16 -5.87
C ASP A 619 14.21 15.17 -6.47
N GLU A 620 13.16 15.07 -5.63
CA GLU A 620 11.74 14.96 -6.08
C GLU A 620 11.27 16.31 -6.65
N THR A 621 11.55 17.42 -5.96
CA THR A 621 11.18 18.80 -6.43
C THR A 621 11.91 19.10 -7.75
N LEU A 622 13.17 18.66 -7.87
CA LEU A 622 14.07 19.02 -9.01
C LEU A 622 13.62 18.28 -10.27
N ASN A 623 13.39 16.96 -10.16
CA ASN A 623 13.04 16.08 -11.30
C ASN A 623 11.61 16.39 -11.77
N GLN A 624 10.80 17.02 -10.90
CA GLN A 624 9.44 17.53 -11.23
C GLN A 624 9.56 18.72 -12.20
N MET A 625 10.62 19.53 -12.09
CA MET A 625 10.86 20.75 -12.92
C MET A 625 11.53 20.39 -14.26
N ILE A 626 12.34 19.32 -14.30
CA ILE A 626 13.11 18.88 -15.51
C ILE A 626 12.21 18.01 -16.40
N ALA A 627 11.36 17.16 -15.80
CA ALA A 627 10.55 16.11 -16.47
C ALA A 627 9.28 16.70 -17.08
N ARG A 628 8.86 16.16 -18.24
CA ARG A 628 7.65 16.57 -19.00
C ARG A 628 6.54 15.52 -18.92
N ARG A 629 6.83 14.35 -18.31
CA ARG A 629 5.88 13.20 -18.19
C ARG A 629 6.29 12.29 -17.02
N GLU A 630 5.36 11.44 -16.56
CA GLU A 630 5.56 10.50 -15.42
C GLU A 630 6.77 9.60 -15.70
N GLU A 631 7.00 9.20 -16.95
CA GLU A 631 8.13 8.32 -17.36
C GLU A 631 9.46 9.05 -17.13
N GLU A 632 9.55 10.31 -17.54
CA GLU A 632 10.77 11.16 -17.41
C GLU A 632 11.12 11.29 -15.91
N PHE A 633 10.14 11.64 -15.07
CA PHE A 633 10.29 11.77 -13.60
C PHE A 633 10.82 10.44 -13.04
N ASP A 634 10.12 9.35 -13.30
CA ASP A 634 10.45 7.98 -12.82
C ASP A 634 11.92 7.68 -13.16
N LEU A 635 12.28 7.84 -14.44
CA LEU A 635 13.64 7.59 -14.95
C LEU A 635 14.64 8.44 -14.14
N PHE A 636 14.38 9.75 -14.04
CA PHE A 636 15.27 10.74 -13.38
C PHE A 636 15.48 10.35 -11.92
N MET A 637 14.44 9.84 -11.26
CA MET A 637 14.54 9.37 -9.85
C MET A 637 15.51 8.20 -9.81
N ARG A 638 15.44 7.26 -10.76
CA ARG A 638 16.35 6.08 -10.80
C ARG A 638 17.77 6.58 -11.08
N MET A 639 17.93 7.49 -12.06
CA MET A 639 19.22 8.11 -12.42
C MET A 639 19.83 8.76 -11.17
N ASP A 640 19.01 9.39 -10.33
CA ASP A 640 19.46 10.04 -9.07
C ASP A 640 20.00 8.95 -8.14
N MET A 641 19.28 7.84 -7.98
CA MET A 641 19.69 6.76 -7.05
C MET A 641 20.86 5.98 -7.65
N ASP A 642 20.95 5.89 -8.99
CA ASP A 642 22.11 5.33 -9.71
C ASP A 642 23.37 6.13 -9.35
N ARG A 643 23.24 7.45 -9.16
CA ARG A 643 24.36 8.34 -8.73
C ARG A 643 24.72 8.01 -7.27
N ARG A 644 23.73 7.70 -6.42
CA ARG A 644 23.96 7.37 -4.99
C ARG A 644 24.61 5.99 -4.87
N ARG A 645 24.32 5.08 -5.81
CA ARG A 645 24.94 3.73 -5.91
C ARG A 645 26.41 3.88 -6.31
N GLU A 646 26.68 4.61 -7.41
CA GLU A 646 28.04 4.95 -7.91
C GLU A 646 28.91 5.50 -6.77
N ASP A 647 28.38 6.47 -6.02
CA ASP A 647 29.09 7.15 -4.89
C ASP A 647 29.35 6.13 -3.76
N ALA A 648 28.35 5.30 -3.43
CA ALA A 648 28.42 4.31 -2.34
C ALA A 648 29.61 3.37 -2.56
N ARG A 649 29.72 2.79 -3.75
CA ARG A 649 30.76 1.81 -4.15
C ARG A 649 32.15 2.47 -4.15
N ASN A 650 32.24 3.67 -4.73
CA ASN A 650 33.50 4.44 -4.94
C ASN A 650 34.31 4.45 -3.65
N PRO A 651 35.62 4.07 -3.70
CA PRO A 651 36.45 3.99 -2.50
C PRO A 651 36.83 5.34 -1.87
N LYS A 652 37.00 6.38 -2.69
CA LYS A 652 37.44 7.74 -2.28
C LYS A 652 36.26 8.72 -2.33
N ARG A 653 35.18 8.44 -1.59
CA ARG A 653 33.92 9.24 -1.63
C ARG A 653 34.20 10.67 -1.13
N LYS A 654 33.81 11.67 -1.91
CA LYS A 654 33.78 13.10 -1.51
C LYS A 654 32.35 13.59 -1.66
N PRO A 655 31.89 14.58 -0.86
CA PRO A 655 30.59 15.20 -1.12
C PRO A 655 30.59 15.88 -2.49
N ARG A 656 29.39 16.18 -3.01
CA ARG A 656 29.21 16.78 -4.37
C ARG A 656 29.69 18.24 -4.38
N LEU A 657 29.73 18.91 -3.21
CA LEU A 657 30.23 20.30 -3.06
C LEU A 657 31.39 20.34 -2.06
N MET A 658 32.51 20.96 -2.44
CA MET A 658 33.72 21.13 -1.60
C MET A 658 33.32 21.82 -0.31
N GLU A 659 33.57 21.16 0.84
CA GLU A 659 33.18 21.62 2.20
C GLU A 659 34.42 22.12 2.95
N GLU A 660 34.22 22.92 4.01
CA GLU A 660 35.29 23.67 4.71
C GLU A 660 36.39 22.72 5.21
N ASP A 661 36.02 21.51 5.65
CA ASP A 661 36.94 20.55 6.32
C ASP A 661 38.06 20.15 5.34
N GLU A 662 37.84 20.27 4.02
CA GLU A 662 38.82 19.88 2.97
C GLU A 662 39.43 21.12 2.30
N LEU A 663 39.78 22.14 3.09
CA LEU A 663 40.44 23.39 2.61
C LEU A 663 41.86 23.46 3.16
N PRO A 664 42.76 24.23 2.48
CA PRO A 664 44.11 24.46 3.00
C PRO A 664 44.12 25.66 3.98
N SER A 665 45.08 25.66 4.91
CA SER A 665 45.19 26.67 6.00
C SER A 665 45.64 28.03 5.47
N TRP A 666 45.82 28.20 4.16
CA TRP A 666 46.35 29.46 3.56
C TRP A 666 45.23 30.25 2.88
N ILE A 667 44.00 29.74 2.86
CA ILE A 667 42.83 30.44 2.27
C ILE A 667 41.83 30.83 3.37
N ILE A 668 41.99 30.31 4.59
CA ILE A 668 40.89 30.22 5.61
C ILE A 668 40.67 31.59 6.28
N LYS A 669 41.72 32.33 6.61
CA LYS A 669 41.63 33.61 7.35
C LYS A 669 42.73 34.57 6.86
N ASP A 670 42.88 34.69 5.54
CA ASP A 670 44.04 35.37 4.89
C ASP A 670 43.55 36.30 3.79
N ASP A 671 43.01 37.47 4.16
CA ASP A 671 42.44 38.47 3.22
C ASP A 671 43.52 38.91 2.21
N ALA A 672 44.80 38.77 2.59
CA ALA A 672 45.97 39.04 1.73
C ALA A 672 46.00 38.04 0.58
N GLU A 673 46.03 36.74 0.92
CA GLU A 673 46.18 35.60 -0.03
C GLU A 673 45.04 35.63 -1.05
N VAL A 674 43.79 35.74 -0.58
CA VAL A 674 42.56 35.83 -1.43
C VAL A 674 42.74 36.98 -2.43
N GLU A 675 43.27 38.11 -1.96
CA GLU A 675 43.52 39.32 -2.78
C GLU A 675 44.72 39.05 -3.70
N ARG A 676 45.74 38.34 -3.22
CA ARG A 676 46.97 37.96 -3.99
C ARG A 676 46.62 37.10 -5.20
N LEU A 677 45.52 36.33 -5.12
CA LEU A 677 45.13 35.30 -6.11
C LEU A 677 43.98 35.80 -7.00
N THR A 678 43.17 36.77 -6.54
CA THR A 678 41.93 37.24 -7.22
C THR A 678 42.22 38.43 -8.15
N CYS A 679 43.22 39.27 -7.81
CA CYS A 679 43.49 40.58 -8.47
C CYS A 679 44.10 40.40 -9.87
N GLU A 680 44.11 41.49 -10.66
CA GLU A 680 44.48 41.51 -12.10
C GLU A 680 45.49 42.64 -12.33
N SER B 24 35.89 -23.35 7.56
CA SER B 24 34.59 -22.63 7.79
C SER B 24 34.52 -22.08 9.22
N ILE B 25 34.99 -22.81 10.24
CA ILE B 25 35.23 -22.26 11.61
C ILE B 25 36.45 -21.33 11.54
N ALA B 26 37.55 -21.86 10.98
CA ALA B 26 38.83 -21.15 10.77
C ALA B 26 38.56 -19.80 10.09
N THR B 27 37.81 -19.81 8.98
CA THR B 27 37.51 -18.60 8.16
C THR B 27 36.60 -17.66 8.97
N GLU B 28 35.51 -18.19 9.54
CA GLU B 28 34.52 -17.43 10.35
C GLU B 28 35.21 -16.75 11.54
N ARG B 29 36.10 -17.46 12.25
CA ARG B 29 36.91 -16.90 13.36
C ARG B 29 37.69 -15.68 12.86
N ILE B 30 38.39 -15.82 11.72
CA ILE B 30 39.29 -14.79 11.13
C ILE B 30 38.45 -13.62 10.62
N GLU B 31 37.49 -13.90 9.73
CA GLU B 31 36.65 -12.87 9.04
C GLU B 31 35.84 -12.09 10.08
N LYS B 32 35.52 -12.71 11.22
CA LYS B 32 34.89 -12.06 12.40
C LYS B 32 35.87 -11.04 13.01
N GLU B 33 37.09 -11.49 13.33
CA GLU B 33 38.17 -10.65 13.91
C GLU B 33 38.56 -9.53 12.91
N ARG B 34 38.46 -9.80 11.61
CA ARG B 34 38.74 -8.82 10.52
C ARG B 34 37.73 -7.67 10.64
N MET B 35 36.45 -7.99 10.80
CA MET B 35 35.35 -6.99 10.93
C MET B 35 35.47 -6.26 12.26
N ARG B 36 35.84 -6.96 13.35
CA ARG B 36 36.00 -6.36 14.69
C ARG B 36 37.18 -5.36 14.70
N ARG B 37 38.16 -5.55 13.82
CA ARG B 37 39.44 -4.78 13.82
C ARG B 37 39.30 -3.52 12.96
N LEU B 38 38.51 -3.56 11.89
CA LEU B 38 38.16 -2.37 11.06
C LEU B 38 37.28 -1.39 11.85
N MET B 39 36.35 -1.91 12.65
CA MET B 39 35.46 -1.10 13.55
C MET B 39 36.34 -0.26 14.48
N ALA B 40 37.48 -0.80 14.91
CA ALA B 40 38.43 -0.17 15.86
C ALA B 40 39.34 0.84 15.13
N GLU B 41 39.92 0.46 13.99
CA GLU B 41 41.19 1.06 13.47
C GLU B 41 40.98 1.89 12.20
N ASP B 42 39.86 1.73 11.49
CA ASP B 42 39.46 2.62 10.36
C ASP B 42 37.94 2.55 10.18
N GLU B 43 37.20 3.23 11.06
CA GLU B 43 35.71 3.16 11.11
C GLU B 43 35.13 3.68 9.80
N GLU B 44 35.78 4.64 9.13
CA GLU B 44 35.30 5.19 7.83
C GLU B 44 35.47 4.13 6.74
N GLY B 45 36.57 3.38 6.78
CA GLY B 45 36.86 2.25 5.88
C GLY B 45 35.91 1.08 6.09
N TYR B 46 35.53 0.83 7.35
CA TYR B 46 34.54 -0.21 7.76
C TYR B 46 33.15 0.11 7.17
N ARG B 47 32.76 1.39 7.17
CA ARG B 47 31.47 1.88 6.59
C ARG B 47 31.51 1.74 5.07
N LYS B 48 32.64 2.10 4.43
CA LYS B 48 32.85 2.03 2.95
C LYS B 48 32.68 0.58 2.47
N LEU B 49 33.08 -0.40 3.29
CA LEU B 49 32.97 -1.85 2.95
C LEU B 49 31.50 -2.25 2.95
N ILE B 50 30.80 -2.04 4.08
CA ILE B 50 29.41 -2.51 4.30
C ILE B 50 28.49 -1.93 3.21
N ASP B 51 28.69 -0.66 2.83
CA ASP B 51 27.88 0.01 1.78
C ASP B 51 28.25 -0.56 0.39
N GLN B 52 29.47 -1.07 0.23
CA GLN B 52 29.94 -1.77 -0.99
C GLN B 52 29.27 -3.15 -1.09
N LYS B 53 29.19 -3.87 0.05
CA LYS B 53 28.56 -5.22 0.17
C LYS B 53 27.05 -5.10 -0.08
N LYS B 54 26.38 -4.14 0.56
CA LYS B 54 24.92 -3.87 0.45
C LYS B 54 24.57 -3.77 -1.04
N ASP B 55 25.32 -2.95 -1.79
CA ASP B 55 25.07 -2.65 -3.22
C ASP B 55 25.33 -3.90 -4.07
N ARG B 56 26.31 -4.74 -3.68
CA ARG B 56 26.65 -6.00 -4.41
C ARG B 56 25.44 -6.94 -4.36
N ARG B 57 24.75 -7.01 -3.21
CA ARG B 57 23.53 -7.86 -3.01
C ARG B 57 22.40 -7.36 -3.92
N LEU B 58 22.16 -6.05 -3.95
CA LEU B 58 21.14 -5.42 -4.85
C LEU B 58 21.51 -5.72 -6.30
N ALA B 59 22.67 -5.25 -6.77
CA ALA B 59 23.15 -5.41 -8.16
C ALA B 59 22.95 -6.86 -8.60
N TYR B 60 23.35 -7.81 -7.75
CA TYR B 60 23.22 -9.29 -7.98
C TYR B 60 21.74 -9.63 -8.12
N LEU B 61 20.91 -9.24 -7.13
CA LEU B 61 19.44 -9.45 -7.10
C LEU B 61 18.86 -9.02 -8.45
N LEU B 62 19.23 -7.83 -8.93
CA LEU B 62 18.74 -7.23 -10.21
C LEU B 62 19.26 -8.04 -11.40
N GLN B 63 20.54 -8.43 -11.38
CA GLN B 63 21.24 -9.09 -12.51
C GLN B 63 20.58 -10.45 -12.82
N GLN B 64 20.32 -11.26 -11.79
CA GLN B 64 19.81 -12.66 -11.89
C GLN B 64 18.36 -12.65 -12.40
N THR B 65 17.64 -11.53 -12.21
CA THR B 65 16.19 -11.38 -12.50
C THR B 65 15.98 -10.59 -13.80
N ASP B 66 17.07 -10.20 -14.50
CA ASP B 66 17.02 -9.32 -15.69
C ASP B 66 16.56 -10.09 -16.93
N GLU B 67 16.31 -11.40 -16.83
CA GLU B 67 15.77 -12.24 -17.94
C GLU B 67 14.24 -12.07 -18.04
N HIS B 96 9.54 -17.77 -28.84
CA HIS B 96 8.72 -18.93 -29.32
C HIS B 96 8.29 -19.78 -28.11
N ALA B 97 7.37 -20.72 -28.34
CA ALA B 97 6.86 -21.70 -27.34
C ALA B 97 6.13 -22.84 -28.07
N ILE B 98 5.84 -23.93 -27.37
CA ILE B 98 5.15 -25.15 -27.92
C ILE B 98 3.64 -24.89 -27.92
N SER B 99 3.01 -25.04 -29.09
CA SER B 99 1.55 -24.90 -29.30
C SER B 99 0.83 -26.20 -28.92
N GLU B 100 -0.37 -26.09 -28.35
CA GLU B 100 -1.36 -27.19 -28.22
C GLU B 100 -2.74 -26.56 -28.03
N ARG B 101 -3.70 -26.93 -28.89
CA ARG B 101 -5.11 -26.46 -28.82
C ARG B 101 -5.93 -27.56 -28.13
N VAL B 102 -6.81 -27.17 -27.20
CA VAL B 102 -7.61 -28.09 -26.34
C VAL B 102 -9.10 -27.90 -26.64
N GLU B 103 -9.62 -28.65 -27.62
CA GLU B 103 -11.00 -28.52 -28.16
C GLU B 103 -12.01 -29.01 -27.11
N LYS B 104 -11.81 -30.21 -26.55
CA LYS B 104 -12.67 -30.83 -25.49
C LYS B 104 -11.93 -30.82 -24.15
N GLN B 105 -12.65 -31.15 -23.08
CA GLN B 105 -12.10 -31.56 -21.75
C GLN B 105 -11.73 -33.05 -21.82
N SER B 106 -11.18 -33.60 -20.73
CA SER B 106 -10.84 -35.04 -20.62
C SER B 106 -12.13 -35.87 -20.66
N ALA B 107 -12.08 -37.10 -21.19
CA ALA B 107 -13.17 -38.09 -21.14
C ALA B 107 -13.37 -38.54 -19.69
N LEU B 108 -12.32 -38.41 -18.87
CA LEU B 108 -12.32 -38.75 -17.42
C LEU B 108 -13.00 -37.66 -16.61
N LEU B 109 -13.24 -36.47 -17.20
CA LEU B 109 -14.02 -35.36 -16.57
C LEU B 109 -15.48 -35.48 -17.00
N ILE B 110 -16.38 -35.65 -16.03
CA ILE B 110 -17.81 -36.05 -16.24
C ILE B 110 -18.71 -35.26 -15.29
N ASN B 111 -20.04 -35.41 -15.44
CA ASN B 111 -21.09 -34.83 -14.57
C ASN B 111 -20.95 -33.31 -14.55
N GLY B 112 -21.00 -32.71 -15.74
CA GLY B 112 -20.79 -31.27 -15.99
C GLY B 112 -19.78 -31.06 -17.10
N THR B 113 -20.00 -30.06 -17.96
CA THR B 113 -19.10 -29.68 -19.08
C THR B 113 -18.55 -28.27 -18.80
N LEU B 114 -17.27 -28.05 -19.14
CA LEU B 114 -16.50 -26.83 -18.80
C LEU B 114 -17.07 -25.64 -19.59
N LYS B 115 -16.94 -24.44 -19.03
CA LYS B 115 -17.22 -23.16 -19.71
C LYS B 115 -16.03 -22.84 -20.61
N HIS B 116 -16.25 -22.03 -21.65
CA HIS B 116 -15.22 -21.68 -22.65
C HIS B 116 -14.02 -21.04 -21.96
N TYR B 117 -14.25 -20.19 -20.94
CA TYR B 117 -13.18 -19.48 -20.20
C TYR B 117 -12.35 -20.49 -19.42
N GLN B 118 -13.00 -21.46 -18.76
CA GLN B 118 -12.35 -22.55 -17.97
C GLN B 118 -11.52 -23.41 -18.93
N LEU B 119 -11.99 -23.58 -20.16
CA LEU B 119 -11.32 -24.35 -21.23
C LEU B 119 -9.95 -23.71 -21.51
N GLN B 120 -9.91 -22.38 -21.59
CA GLN B 120 -8.68 -21.57 -21.84
C GLN B 120 -7.74 -21.70 -20.63
N GLY B 121 -8.30 -21.81 -19.43
CA GLY B 121 -7.53 -22.08 -18.20
C GLY B 121 -6.79 -23.39 -18.30
N LEU B 122 -7.48 -24.45 -18.76
CA LEU B 122 -6.91 -25.80 -19.00
C LEU B 122 -5.80 -25.67 -20.05
N GLU B 123 -6.15 -25.13 -21.22
CA GLU B 123 -5.23 -24.89 -22.36
C GLU B 123 -4.01 -24.09 -21.89
N TRP B 124 -4.20 -23.13 -20.98
CA TRP B 124 -3.11 -22.28 -20.43
C TRP B 124 -2.13 -23.15 -19.62
N MET B 125 -2.65 -23.92 -18.65
CA MET B 125 -1.85 -24.72 -17.68
C MET B 125 -1.17 -25.91 -18.39
N VAL B 126 -1.70 -26.30 -19.56
CA VAL B 126 -1.12 -27.36 -20.45
C VAL B 126 0.08 -26.73 -21.19
N SER B 127 -0.12 -25.55 -21.78
CA SER B 127 0.94 -24.71 -22.38
C SER B 127 2.08 -24.54 -21.38
N LEU B 128 1.77 -24.23 -20.12
CA LEU B 128 2.79 -24.16 -19.03
C LEU B 128 3.57 -25.48 -19.02
N TYR B 129 2.85 -26.61 -18.98
CA TYR B 129 3.41 -27.98 -18.87
C TYR B 129 4.40 -28.23 -20.02
N ASN B 130 3.89 -28.19 -21.26
CA ASN B 130 4.69 -28.44 -22.49
C ASN B 130 5.98 -27.61 -22.42
N ASN B 131 5.87 -26.32 -22.07
CA ASN B 131 6.98 -25.34 -22.12
C ASN B 131 7.68 -25.29 -20.76
N ASN B 132 7.37 -26.23 -19.86
CA ASN B 132 8.24 -26.54 -18.69
C ASN B 132 8.26 -25.32 -17.75
N LEU B 133 7.08 -24.77 -17.45
CA LEU B 133 6.87 -23.49 -16.71
C LEU B 133 5.91 -23.70 -15.53
N ASN B 134 5.98 -22.82 -14.53
CA ASN B 134 5.05 -22.74 -13.38
C ASN B 134 4.06 -21.58 -13.62
N GLY B 135 2.95 -21.55 -12.88
CA GLY B 135 1.87 -20.57 -13.06
C GLY B 135 1.16 -20.21 -11.76
N ILE B 136 0.32 -19.17 -11.83
CA ILE B 136 -0.66 -18.77 -10.78
C ILE B 136 -2.04 -18.66 -11.45
N LEU B 137 -2.98 -19.56 -11.12
CA LEU B 137 -4.42 -19.38 -11.46
C LEU B 137 -5.08 -18.56 -10.34
N ALA B 138 -5.37 -17.28 -10.63
CA ALA B 138 -5.93 -16.29 -9.68
C ALA B 138 -7.29 -15.79 -10.17
N ASP B 139 -8.15 -16.69 -10.66
CA ASP B 139 -9.55 -16.35 -11.03
C ASP B 139 -10.29 -15.89 -9.77
N GLU B 140 -11.25 -14.97 -9.90
CA GLU B 140 -12.09 -14.47 -8.78
C GLU B 140 -12.77 -15.68 -8.10
N MET B 141 -13.33 -15.49 -6.90
CA MET B 141 -14.08 -16.54 -6.15
C MET B 141 -15.28 -17.03 -6.98
N GLY B 142 -15.50 -18.35 -7.01
CA GLY B 142 -16.70 -19.00 -7.56
C GLY B 142 -16.60 -19.28 -9.06
N LEU B 143 -15.40 -19.20 -9.64
CA LEU B 143 -15.19 -19.26 -11.12
C LEU B 143 -14.68 -20.64 -11.56
N GLY B 144 -14.40 -21.57 -10.64
CA GLY B 144 -14.01 -22.95 -11.00
C GLY B 144 -12.51 -23.18 -10.94
N LYS B 145 -11.80 -22.63 -9.96
CA LYS B 145 -10.36 -22.89 -9.74
C LYS B 145 -10.16 -24.37 -9.40
N THR B 146 -10.99 -24.95 -8.51
CA THR B 146 -10.91 -26.38 -8.11
C THR B 146 -11.29 -27.29 -9.29
N ILE B 147 -12.28 -26.87 -10.09
CA ILE B 147 -12.79 -27.63 -11.28
C ILE B 147 -11.74 -27.59 -12.40
N GLN B 148 -11.02 -26.47 -12.53
CA GLN B 148 -9.98 -26.28 -13.59
C GLN B 148 -8.73 -27.10 -13.24
N THR B 149 -8.39 -27.20 -11.94
CA THR B 149 -7.25 -28.01 -11.43
C THR B 149 -7.53 -29.50 -11.69
N ILE B 150 -8.79 -29.94 -11.59
CA ILE B 150 -9.21 -31.34 -11.83
C ILE B 150 -9.22 -31.61 -13.35
N ALA B 151 -9.60 -30.61 -14.15
CA ALA B 151 -9.59 -30.68 -15.62
C ALA B 151 -8.15 -30.87 -16.12
N LEU B 152 -7.18 -30.22 -15.46
CA LEU B 152 -5.72 -30.32 -15.76
C LEU B 152 -5.26 -31.76 -15.53
N ILE B 153 -5.43 -32.25 -14.30
CA ILE B 153 -4.97 -33.61 -13.88
C ILE B 153 -5.58 -34.64 -14.84
N THR B 154 -6.89 -34.59 -15.07
CA THR B 154 -7.64 -35.56 -15.92
C THR B 154 -7.16 -35.46 -17.38
N TYR B 155 -6.82 -34.26 -17.85
CA TYR B 155 -6.34 -34.05 -19.25
C TYR B 155 -4.95 -34.68 -19.38
N LEU B 156 -4.07 -34.45 -18.40
CA LEU B 156 -2.66 -34.93 -18.43
C LEU B 156 -2.63 -36.46 -18.29
N MET B 157 -3.51 -37.02 -17.46
CA MET B 157 -3.63 -38.49 -17.25
C MET B 157 -4.07 -39.16 -18.57
N GLU B 158 -4.97 -38.52 -19.33
CA GLU B 158 -5.51 -39.08 -20.59
C GLU B 158 -4.48 -38.92 -21.71
N HIS B 159 -4.14 -37.68 -22.06
CA HIS B 159 -3.46 -37.31 -23.33
C HIS B 159 -1.93 -37.30 -23.19
N LYS B 160 -1.39 -37.31 -21.97
CA LYS B 160 0.07 -37.40 -21.71
C LYS B 160 0.40 -38.68 -20.94
N ARG B 161 -0.61 -39.51 -20.63
CA ARG B 161 -0.47 -40.75 -19.83
C ARG B 161 0.34 -40.45 -18.56
N LEU B 162 0.10 -39.31 -17.92
CA LEU B 162 0.77 -38.87 -16.66
C LEU B 162 -0.11 -39.25 -15.47
N ASN B 163 0.11 -40.44 -14.92
CA ASN B 163 -0.71 -41.04 -13.83
C ASN B 163 -0.27 -40.48 -12.47
N GLY B 164 0.79 -39.67 -12.43
CA GLY B 164 1.20 -38.92 -11.22
C GLY B 164 2.48 -39.48 -10.63
N PRO B 165 2.75 -39.31 -9.32
CA PRO B 165 1.78 -38.74 -8.37
C PRO B 165 1.64 -37.20 -8.33
N TYR B 166 0.41 -36.71 -8.18
CA TYR B 166 0.04 -35.27 -8.04
C TYR B 166 -0.15 -34.93 -6.56
N LEU B 167 0.60 -33.95 -6.05
CA LEU B 167 0.45 -33.40 -4.67
C LEU B 167 -0.37 -32.11 -4.74
N ILE B 168 -1.52 -32.07 -4.04
CA ILE B 168 -2.38 -30.87 -3.88
C ILE B 168 -2.40 -30.49 -2.39
N ILE B 169 -1.86 -29.31 -2.06
CA ILE B 169 -1.86 -28.76 -0.67
C ILE B 169 -2.98 -27.71 -0.57
N VAL B 170 -3.89 -27.88 0.40
CA VAL B 170 -5.10 -27.04 0.57
C VAL B 170 -5.28 -26.65 2.04
N PRO B 171 -6.03 -25.55 2.32
CA PRO B 171 -6.38 -25.22 3.69
C PRO B 171 -7.34 -26.30 4.22
N LEU B 172 -7.14 -26.74 5.46
CA LEU B 172 -7.83 -27.92 6.06
C LEU B 172 -9.35 -27.78 5.95
N SER B 173 -9.89 -26.55 6.06
CA SER B 173 -11.36 -26.29 6.09
C SER B 173 -12.01 -26.67 4.75
N THR B 174 -11.24 -26.66 3.65
CA THR B 174 -11.77 -26.89 2.29
C THR B 174 -11.38 -28.30 1.79
N LEU B 175 -10.71 -29.11 2.61
CA LEU B 175 -10.23 -30.46 2.19
C LEU B 175 -11.43 -31.30 1.76
N SER B 176 -12.48 -31.34 2.58
CA SER B 176 -13.75 -32.08 2.35
C SER B 176 -14.45 -31.53 1.10
N ASN B 177 -14.25 -30.23 0.82
CA ASN B 177 -14.78 -29.52 -0.37
C ASN B 177 -14.08 -30.06 -1.63
N TRP B 178 -12.75 -30.12 -1.60
CA TRP B 178 -11.88 -30.68 -2.68
C TRP B 178 -12.28 -32.14 -2.94
N THR B 179 -12.34 -32.96 -1.88
CA THR B 179 -12.59 -34.42 -1.97
C THR B 179 -14.00 -34.66 -2.53
N TYR B 180 -14.96 -33.78 -2.22
CA TYR B 180 -16.35 -33.84 -2.77
C TYR B 180 -16.31 -33.63 -4.29
N GLU B 181 -15.59 -32.59 -4.73
CA GLU B 181 -15.60 -32.11 -6.15
C GLU B 181 -14.80 -33.07 -7.04
N PHE B 182 -13.84 -33.83 -6.47
CA PHE B 182 -13.12 -34.92 -7.18
C PHE B 182 -14.10 -36.10 -7.38
N ASP B 183 -14.84 -36.47 -6.33
CA ASP B 183 -15.85 -37.56 -6.33
C ASP B 183 -16.94 -37.27 -7.36
N LYS B 184 -17.32 -36.00 -7.53
CA LYS B 184 -18.40 -35.56 -8.45
C LYS B 184 -17.88 -35.57 -9.89
N TRP B 185 -16.71 -34.98 -10.15
CA TRP B 185 -16.21 -34.61 -11.51
C TRP B 185 -15.22 -35.65 -12.07
N ALA B 186 -14.46 -36.35 -11.23
CA ALA B 186 -13.40 -37.29 -11.66
C ALA B 186 -13.30 -38.48 -10.70
N PRO B 187 -14.36 -39.30 -10.56
CA PRO B 187 -14.37 -40.39 -9.59
C PRO B 187 -13.37 -41.53 -9.91
N SER B 188 -13.04 -41.72 -11.19
CA SER B 188 -12.03 -42.71 -11.67
C SER B 188 -10.68 -42.44 -10.99
N VAL B 189 -10.32 -41.16 -10.81
CA VAL B 189 -9.05 -40.70 -10.17
C VAL B 189 -8.97 -41.33 -8.77
N VAL B 190 -7.82 -41.91 -8.43
CA VAL B 190 -7.54 -42.60 -7.12
C VAL B 190 -6.80 -41.63 -6.20
N LYS B 191 -7.43 -41.13 -5.13
CA LYS B 191 -6.85 -40.08 -4.26
C LYS B 191 -6.70 -40.55 -2.81
N ILE B 192 -5.69 -40.03 -2.11
CA ILE B 192 -5.39 -40.26 -0.66
C ILE B 192 -5.68 -38.95 0.09
N SER B 193 -6.19 -39.03 1.33
CA SER B 193 -6.35 -37.87 2.24
C SER B 193 -5.38 -38.02 3.40
N TYR B 194 -4.13 -37.56 3.21
CA TYR B 194 -3.05 -37.63 4.22
C TYR B 194 -3.34 -36.59 5.31
N LYS B 195 -4.01 -37.03 6.37
CA LYS B 195 -4.23 -36.28 7.64
C LYS B 195 -4.64 -37.27 8.73
N GLY B 196 -4.95 -36.76 9.93
CA GLY B 196 -5.51 -37.56 11.03
C GLY B 196 -4.48 -37.88 12.10
N THR B 197 -4.77 -38.86 12.96
CA THR B 197 -3.89 -39.32 14.06
C THR B 197 -2.70 -40.06 13.44
N PRO B 198 -1.55 -40.16 14.14
CA PRO B 198 -0.41 -40.90 13.62
C PRO B 198 -0.84 -42.31 13.15
N ALA B 199 -1.55 -43.03 14.02
CA ALA B 199 -2.20 -44.32 13.72
C ALA B 199 -2.77 -44.30 12.29
N MET B 200 -3.58 -43.28 11.98
CA MET B 200 -4.24 -43.14 10.66
C MET B 200 -3.16 -42.97 9.58
N ARG B 201 -2.23 -42.03 9.78
CA ARG B 201 -1.21 -41.64 8.76
C ARG B 201 -0.35 -42.87 8.43
N ARG B 202 0.12 -43.61 9.44
CA ARG B 202 0.92 -44.84 9.29
C ARG B 202 0.15 -45.88 8.46
N SER B 203 -1.17 -46.00 8.68
CA SER B 203 -2.06 -46.94 7.95
C SER B 203 -1.89 -46.77 6.45
N LEU B 204 -1.50 -45.57 5.99
CA LEU B 204 -1.50 -45.16 4.56
C LEU B 204 -0.12 -45.35 3.92
N VAL B 205 0.93 -45.60 4.73
CA VAL B 205 2.34 -45.71 4.25
C VAL B 205 2.44 -46.87 3.25
N PRO B 206 1.75 -48.02 3.45
CA PRO B 206 1.73 -49.08 2.45
C PRO B 206 1.35 -48.56 1.06
N GLN B 207 0.23 -47.85 0.96
CA GLN B 207 -0.34 -47.37 -0.32
C GLN B 207 0.62 -46.38 -0.99
N LEU B 208 1.40 -45.63 -0.20
CA LEU B 208 2.39 -44.65 -0.71
C LEU B 208 3.57 -45.38 -1.37
N ARG B 209 4.34 -46.14 -0.58
CA ARG B 209 5.45 -47.01 -1.06
C ARG B 209 4.98 -47.81 -2.29
N SER B 210 3.75 -48.33 -2.25
CA SER B 210 3.08 -49.06 -3.36
C SER B 210 2.98 -48.17 -4.61
N GLY B 211 2.53 -46.92 -4.44
CA GLY B 211 2.29 -45.97 -5.56
C GLY B 211 0.96 -46.22 -6.25
N LYS B 212 0.03 -46.94 -5.60
CA LYS B 212 -1.35 -47.19 -6.11
C LYS B 212 -2.23 -45.99 -5.76
N PHE B 213 -1.95 -44.83 -6.36
CA PHE B 213 -2.75 -43.59 -6.23
C PHE B 213 -2.31 -42.59 -7.31
N ASN B 214 -3.26 -41.79 -7.80
CA ASN B 214 -3.00 -40.67 -8.75
C ASN B 214 -2.71 -39.40 -7.95
N VAL B 215 -3.55 -39.07 -6.96
CA VAL B 215 -3.53 -37.77 -6.23
C VAL B 215 -3.38 -38.01 -4.72
N LEU B 216 -2.75 -37.07 -4.02
CA LEU B 216 -2.71 -37.01 -2.54
C LEU B 216 -2.99 -35.56 -2.09
N LEU B 217 -4.01 -35.36 -1.26
CA LEU B 217 -4.33 -34.05 -0.63
C LEU B 217 -3.86 -34.07 0.83
N THR B 218 -3.26 -32.99 1.29
CA THR B 218 -2.74 -32.83 2.67
C THR B 218 -2.70 -31.33 3.03
N THR B 219 -2.34 -31.01 4.26
CA THR B 219 -2.34 -29.64 4.81
C THR B 219 -0.95 -29.31 5.36
N TYR B 220 -0.72 -28.05 5.71
CA TYR B 220 0.64 -27.47 5.93
C TYR B 220 1.37 -28.26 7.03
N GLU B 221 0.68 -28.64 8.10
CA GLU B 221 1.33 -29.24 9.29
C GLU B 221 1.93 -30.60 8.94
N TYR B 222 1.29 -31.37 8.04
CA TYR B 222 1.73 -32.75 7.65
C TYR B 222 2.90 -32.66 6.68
N ILE B 223 2.92 -31.64 5.80
CA ILE B 223 4.08 -31.35 4.88
C ILE B 223 5.34 -31.11 5.72
N ILE B 224 5.18 -30.53 6.91
CA ILE B 224 6.27 -30.14 7.85
C ILE B 224 6.56 -31.30 8.83
N LYS B 225 5.53 -31.79 9.53
CA LYS B 225 5.60 -32.89 10.54
C LYS B 225 6.17 -34.17 9.93
N ASP B 226 5.66 -34.58 8.76
CA ASP B 226 5.90 -35.90 8.14
C ASP B 226 6.65 -35.74 6.82
N LYS B 227 7.70 -34.91 6.81
CA LYS B 227 8.64 -34.76 5.65
C LYS B 227 9.32 -36.11 5.41
N HIS B 228 9.66 -36.82 6.50
CA HIS B 228 10.36 -38.15 6.50
C HIS B 228 9.53 -39.20 5.74
N ILE B 229 8.25 -38.92 5.47
CA ILE B 229 7.36 -39.80 4.65
C ILE B 229 7.08 -39.12 3.30
N LEU B 230 6.59 -37.88 3.31
CA LEU B 230 5.98 -37.25 2.11
C LEU B 230 7.05 -36.71 1.14
N ALA B 231 8.12 -36.07 1.64
CA ALA B 231 9.21 -35.50 0.82
C ALA B 231 9.84 -36.59 -0.07
N LYS B 232 9.91 -37.83 0.44
CA LYS B 232 10.55 -39.01 -0.22
C LYS B 232 9.89 -39.27 -1.59
N ILE B 233 8.57 -39.13 -1.67
CA ILE B 233 7.81 -39.41 -2.93
C ILE B 233 8.26 -38.42 -4.03
N ARG B 234 8.24 -38.90 -5.28
CA ARG B 234 8.81 -38.20 -6.45
C ARG B 234 7.67 -37.58 -7.27
N TRP B 235 7.06 -36.52 -6.71
CA TRP B 235 5.84 -35.84 -7.22
C TRP B 235 6.06 -35.28 -8.64
N LYS B 236 5.14 -35.56 -9.56
CA LYS B 236 5.11 -35.02 -10.94
C LYS B 236 4.56 -33.60 -10.93
N TYR B 237 3.83 -33.22 -9.86
CA TYR B 237 3.10 -31.92 -9.73
C TYR B 237 3.01 -31.51 -8.25
N MET B 238 3.02 -30.20 -8.00
CA MET B 238 2.94 -29.60 -6.64
C MET B 238 2.01 -28.40 -6.69
N ILE B 239 0.70 -28.66 -6.66
CA ILE B 239 -0.38 -27.62 -6.72
C ILE B 239 -0.69 -27.24 -5.26
N VAL B 240 -0.72 -25.94 -4.93
CA VAL B 240 -1.01 -25.46 -3.55
C VAL B 240 -2.17 -24.46 -3.60
N ASP B 241 -3.04 -24.48 -2.58
CA ASP B 241 -4.19 -23.55 -2.43
C ASP B 241 -3.93 -22.62 -1.25
N GLU B 242 -3.67 -21.35 -1.57
CA GLU B 242 -3.43 -20.22 -0.64
C GLU B 242 -4.74 -19.84 0.06
N GLY B 243 -5.88 -20.23 -0.51
CA GLY B 243 -7.20 -19.73 -0.12
C GLY B 243 -7.49 -18.42 -0.85
N HIS B 244 -8.06 -17.44 -0.15
CA HIS B 244 -8.33 -16.08 -0.67
C HIS B 244 -6.99 -15.33 -0.84
N ARG B 245 -6.22 -15.24 0.24
CA ARG B 245 -5.09 -14.29 0.42
C ARG B 245 -3.93 -15.02 1.10
N MET B 246 -2.69 -14.62 0.85
CA MET B 246 -1.51 -15.19 1.57
C MET B 246 -1.72 -14.98 3.07
N LYS B 247 -1.41 -16.00 3.87
CA LYS B 247 -1.46 -15.95 5.36
C LYS B 247 -0.03 -16.03 5.89
N ASN B 248 0.17 -15.60 7.14
CA ASN B 248 1.50 -15.46 7.80
C ASN B 248 2.25 -16.79 7.73
N HIS B 249 1.55 -17.92 7.93
CA HIS B 249 2.16 -19.27 8.11
C HIS B 249 2.65 -19.85 6.77
N HIS B 250 2.47 -19.14 5.66
CA HIS B 250 2.79 -19.61 4.29
C HIS B 250 4.26 -19.37 3.94
N CYS B 251 4.98 -18.50 4.68
CA CYS B 251 6.45 -18.30 4.54
C CYS B 251 7.20 -19.58 4.92
N LYS B 252 6.95 -20.09 6.13
CA LYS B 252 7.51 -21.36 6.65
C LYS B 252 7.21 -22.50 5.67
N LEU B 253 6.04 -22.49 5.04
CA LEU B 253 5.62 -23.57 4.10
C LEU B 253 6.46 -23.50 2.82
N THR B 254 6.65 -22.29 2.28
CA THR B 254 7.46 -22.06 1.05
C THR B 254 8.86 -22.63 1.25
N GLN B 255 9.51 -22.28 2.37
CA GLN B 255 10.89 -22.68 2.73
C GLN B 255 11.00 -24.21 2.76
N VAL B 256 10.23 -24.87 3.63
CA VAL B 256 10.22 -26.35 3.79
C VAL B 256 10.05 -27.01 2.41
N LEU B 257 9.10 -26.53 1.60
CA LEU B 257 8.74 -27.12 0.27
C LEU B 257 9.98 -27.19 -0.62
N ASN B 258 10.71 -26.10 -0.80
CA ASN B 258 11.89 -26.09 -1.71
C ASN B 258 13.16 -26.40 -0.91
N THR B 259 13.07 -26.68 0.39
CA THR B 259 14.19 -27.28 1.18
C THR B 259 14.21 -28.80 0.98
N HIS B 260 13.05 -29.47 0.97
CA HIS B 260 12.93 -30.95 1.14
C HIS B 260 12.21 -31.66 -0.02
N TYR B 261 11.24 -31.04 -0.70
CA TYR B 261 10.32 -31.70 -1.66
C TYR B 261 10.83 -31.50 -3.09
N VAL B 262 10.54 -32.44 -3.99
CA VAL B 262 11.08 -32.47 -5.39
C VAL B 262 9.90 -32.58 -6.38
N ALA B 263 9.34 -31.44 -6.76
CA ALA B 263 8.19 -31.36 -7.71
C ALA B 263 8.59 -30.55 -8.93
N PRO B 264 8.65 -31.17 -10.13
CA PRO B 264 8.91 -30.44 -11.37
C PRO B 264 7.92 -29.28 -11.57
N ARG B 265 6.64 -29.60 -11.79
CA ARG B 265 5.59 -28.60 -12.09
C ARG B 265 5.03 -28.06 -10.78
N ARG B 266 4.64 -26.78 -10.77
CA ARG B 266 4.01 -26.09 -9.62
C ARG B 266 2.87 -25.21 -10.11
N ILE B 267 1.79 -25.13 -9.34
CA ILE B 267 0.67 -24.16 -9.50
C ILE B 267 0.33 -23.59 -8.12
N LEU B 268 0.12 -22.26 -8.03
CA LEU B 268 -0.40 -21.57 -6.83
C LEU B 268 -1.83 -21.10 -7.12
N LEU B 269 -2.83 -21.69 -6.46
CA LEU B 269 -4.26 -21.29 -6.57
C LEU B 269 -4.54 -20.18 -5.55
N THR B 270 -5.16 -19.08 -5.99
CA THR B 270 -5.38 -17.86 -5.19
C THR B 270 -6.59 -17.08 -5.73
N GLY B 271 -7.20 -16.25 -4.89
CA GLY B 271 -8.36 -15.41 -5.21
C GLY B 271 -8.02 -13.93 -5.29
N THR B 272 -6.81 -13.54 -4.88
CA THR B 272 -6.34 -12.13 -4.83
C THR B 272 -5.33 -11.86 -5.94
N PRO B 273 -5.26 -10.60 -6.45
CA PRO B 273 -4.28 -10.22 -7.47
C PRO B 273 -2.90 -9.90 -6.86
N LEU B 274 -1.92 -9.64 -7.73
CA LEU B 274 -0.48 -9.51 -7.36
C LEU B 274 -0.33 -8.42 -6.29
N GLN B 275 0.24 -8.77 -5.13
CA GLN B 275 0.42 -7.88 -3.95
C GLN B 275 1.65 -7.00 -4.14
N ASN B 276 1.81 -5.95 -3.32
CA ASN B 276 2.89 -4.93 -3.41
C ASN B 276 3.67 -4.88 -2.09
N LYS B 277 4.04 -6.03 -1.53
CA LYS B 277 4.87 -6.15 -0.31
C LYS B 277 6.05 -7.08 -0.61
N LEU B 278 7.27 -6.67 -0.22
CA LEU B 278 8.54 -7.37 -0.55
C LEU B 278 8.53 -8.78 0.03
N PRO B 279 8.25 -8.99 1.34
CA PRO B 279 8.43 -10.30 1.96
C PRO B 279 7.54 -11.38 1.32
N GLU B 280 6.28 -11.04 1.07
CA GLU B 280 5.31 -11.91 0.37
C GLU B 280 5.87 -12.28 -1.01
N LEU B 281 6.18 -11.27 -1.83
CA LEU B 281 6.58 -11.42 -3.26
C LEU B 281 7.87 -12.24 -3.37
N TRP B 282 8.71 -12.23 -2.34
CA TRP B 282 9.93 -13.08 -2.24
C TRP B 282 9.53 -14.56 -2.26
N ALA B 283 8.58 -14.92 -1.38
CA ALA B 283 8.05 -16.30 -1.24
C ALA B 283 7.40 -16.72 -2.57
N LEU B 284 6.73 -15.78 -3.25
CA LEU B 284 6.07 -16.06 -4.55
C LEU B 284 7.13 -16.31 -5.62
N LEU B 285 8.24 -15.55 -5.62
CA LEU B 285 9.36 -15.71 -6.59
C LEU B 285 10.01 -17.08 -6.39
N ASN B 286 10.31 -17.44 -5.14
CA ASN B 286 11.04 -18.68 -4.76
C ASN B 286 10.11 -19.91 -4.88
N PHE B 287 8.79 -19.74 -4.96
CA PHE B 287 7.83 -20.85 -5.23
C PHE B 287 7.70 -21.04 -6.74
N LEU B 288 7.49 -19.96 -7.50
CA LEU B 288 7.27 -19.99 -8.97
C LEU B 288 8.58 -20.26 -9.72
N LEU B 289 9.67 -19.57 -9.33
CA LEU B 289 10.99 -19.58 -10.02
C LEU B 289 12.10 -19.85 -9.01
N PRO B 290 12.14 -21.03 -8.37
CA PRO B 290 13.12 -21.31 -7.31
C PRO B 290 14.57 -21.35 -7.82
N THR B 291 14.75 -21.63 -9.13
CA THR B 291 16.08 -21.84 -9.76
C THR B 291 16.83 -20.51 -9.91
N ILE B 292 16.15 -19.37 -9.74
CA ILE B 292 16.76 -18.03 -9.91
C ILE B 292 17.70 -17.74 -8.74
N PHE B 293 17.32 -18.09 -7.51
CA PHE B 293 18.08 -17.78 -6.27
C PHE B 293 18.34 -19.03 -5.42
N LYS B 294 17.79 -20.19 -5.79
CA LYS B 294 18.10 -21.52 -5.17
C LYS B 294 18.23 -21.37 -3.64
N SER B 295 17.35 -20.56 -3.03
CA SER B 295 17.39 -20.15 -1.59
C SER B 295 16.11 -20.56 -0.87
N CYS B 296 16.24 -21.04 0.37
CA CYS B 296 15.12 -21.50 1.25
C CYS B 296 14.98 -20.54 2.43
N SER B 297 15.12 -19.24 2.18
CA SER B 297 15.24 -18.18 3.21
C SER B 297 14.08 -17.18 3.07
N THR B 298 13.88 -16.35 4.09
CA THR B 298 13.07 -15.11 4.04
C THR B 298 13.94 -14.04 3.37
N PHE B 299 13.33 -13.00 2.78
CA PHE B 299 14.07 -11.91 2.08
C PHE B 299 15.07 -11.28 3.06
N GLU B 300 14.63 -11.05 4.30
CA GLU B 300 15.42 -10.39 5.37
C GLU B 300 16.71 -11.20 5.61
N GLN B 301 16.63 -12.53 5.62
CA GLN B 301 17.82 -13.41 5.84
C GLN B 301 18.67 -13.46 4.57
N TRP B 302 18.05 -13.53 3.39
CA TRP B 302 18.79 -13.66 2.09
C TRP B 302 19.66 -12.41 1.87
N PHE B 303 19.10 -11.21 2.11
CA PHE B 303 19.78 -9.92 1.86
C PHE B 303 20.93 -9.72 2.86
N ASN B 304 20.75 -10.21 4.09
CA ASN B 304 21.69 -10.02 5.23
C ASN B 304 22.79 -11.10 5.23
N ALA B 305 22.63 -12.16 4.42
CA ALA B 305 23.57 -13.30 4.30
C ALA B 305 25.03 -12.83 4.38
N PRO B 306 25.49 -11.90 3.50
CA PRO B 306 26.90 -11.51 3.48
C PRO B 306 27.43 -10.81 4.74
N PHE B 307 26.55 -10.35 5.63
CA PHE B 307 26.90 -9.56 6.85
C PHE B 307 26.74 -10.43 8.10
N ALA B 308 26.64 -11.75 7.93
CA ALA B 308 26.44 -12.74 9.02
C ALA B 308 27.56 -12.59 10.08
N MET B 309 28.80 -12.42 9.62
CA MET B 309 30.00 -12.38 10.49
C MET B 309 30.22 -10.98 11.06
N THR B 310 29.72 -9.94 10.37
CA THR B 310 29.66 -8.54 10.86
C THR B 310 28.87 -8.47 12.17
N GLY B 311 27.86 -9.33 12.33
CA GLY B 311 26.86 -9.27 13.42
C GLY B 311 26.08 -7.98 13.38
N GLU B 312 25.95 -7.37 12.19
CA GLU B 312 25.30 -6.06 11.97
C GLU B 312 24.31 -6.19 10.81
N ARG B 313 23.01 -6.19 11.12
CA ARG B 313 21.90 -6.30 10.14
C ARG B 313 21.99 -5.12 9.16
N VAL B 314 21.29 -5.23 8.03
CA VAL B 314 21.24 -4.18 6.97
C VAL B 314 19.77 -4.06 6.50
N ASP B 315 19.23 -2.83 6.48
CA ASP B 315 17.80 -2.55 6.20
C ASP B 315 17.69 -1.64 4.97
N LEU B 316 16.87 -2.03 3.99
CA LEU B 316 16.60 -1.25 2.75
C LEU B 316 15.81 0.02 3.10
N ASN B 317 16.02 1.10 2.34
CA ASN B 317 15.30 2.40 2.48
C ASN B 317 14.12 2.44 1.50
N GLU B 318 13.44 3.58 1.40
CA GLU B 318 12.21 3.75 0.57
C GLU B 318 12.53 3.45 -0.88
N GLU B 319 13.48 4.19 -1.46
CA GLU B 319 13.87 4.15 -2.90
C GLU B 319 14.23 2.71 -3.28
N GLU B 320 15.16 2.10 -2.53
CA GLU B 320 15.73 0.74 -2.77
C GLU B 320 14.63 -0.34 -2.73
N THR B 321 13.67 -0.24 -1.79
CA THR B 321 12.54 -1.19 -1.63
C THR B 321 11.65 -1.17 -2.89
N ILE B 322 10.99 -0.03 -3.15
CA ILE B 322 10.03 0.17 -4.28
C ILE B 322 10.59 -0.47 -5.55
N LEU B 323 11.90 -0.34 -5.80
CA LEU B 323 12.55 -0.86 -7.03
C LEU B 323 12.51 -2.39 -7.02
N ILE B 324 12.84 -3.04 -5.90
CA ILE B 324 12.83 -4.53 -5.76
C ILE B 324 11.40 -4.99 -6.06
N ILE B 325 10.42 -4.35 -5.41
CA ILE B 325 8.95 -4.63 -5.52
C ILE B 325 8.51 -4.43 -6.98
N ARG B 326 8.85 -3.29 -7.59
CA ARG B 326 8.45 -2.92 -8.97
C ARG B 326 8.97 -3.98 -9.94
N ARG B 327 10.15 -4.57 -9.67
CA ARG B 327 10.81 -5.59 -10.54
C ARG B 327 10.12 -6.94 -10.37
N LEU B 328 10.12 -7.49 -9.15
CA LEU B 328 9.49 -8.80 -8.81
C LEU B 328 8.09 -8.85 -9.44
N HIS B 329 7.32 -7.77 -9.27
CA HIS B 329 6.03 -7.53 -9.99
C HIS B 329 6.17 -7.88 -11.48
N LYS B 330 7.15 -7.28 -12.17
CA LYS B 330 7.34 -7.43 -13.64
C LYS B 330 7.77 -8.85 -13.99
N VAL B 331 8.48 -9.53 -13.08
CA VAL B 331 9.00 -10.92 -13.29
C VAL B 331 7.84 -11.91 -13.19
N LEU B 332 6.93 -11.70 -12.24
CA LEU B 332 5.83 -12.64 -11.90
C LEU B 332 4.61 -12.40 -12.81
N ARG B 333 4.45 -11.18 -13.33
CA ARG B 333 3.20 -10.71 -14.02
C ARG B 333 2.81 -11.66 -15.14
N PRO B 334 3.74 -12.08 -16.03
CA PRO B 334 3.37 -12.87 -17.21
C PRO B 334 2.90 -14.30 -16.89
N PHE B 335 3.12 -14.77 -15.66
CA PHE B 335 2.82 -16.14 -15.22
C PHE B 335 1.47 -16.21 -14.50
N LEU B 336 0.73 -15.10 -14.45
CA LEU B 336 -0.53 -14.98 -13.65
C LEU B 336 -1.74 -14.73 -14.57
N LEU B 337 -2.66 -15.70 -14.60
CA LEU B 337 -3.98 -15.60 -15.29
C LEU B 337 -5.06 -15.33 -14.23
N ARG B 338 -5.81 -14.24 -14.42
CA ARG B 338 -6.93 -13.80 -13.53
C ARG B 338 -8.07 -13.31 -14.42
N ARG B 339 -9.17 -14.06 -14.43
CA ARG B 339 -10.45 -13.64 -15.05
C ARG B 339 -11.41 -13.23 -13.91
N LEU B 340 -12.13 -12.11 -14.12
CA LEU B 340 -13.12 -11.55 -13.17
C LEU B 340 -14.52 -11.99 -13.58
N LYS B 341 -15.45 -12.04 -12.62
CA LYS B 341 -16.84 -12.52 -12.80
C LYS B 341 -17.52 -11.69 -13.90
N LYS B 342 -17.17 -10.40 -13.99
CA LYS B 342 -17.75 -9.42 -14.95
C LYS B 342 -17.29 -9.75 -16.39
N GLU B 343 -16.02 -10.15 -16.56
CA GLU B 343 -15.43 -10.48 -17.89
C GLU B 343 -16.19 -11.65 -18.54
N VAL B 344 -16.60 -12.65 -17.76
CA VAL B 344 -17.24 -13.91 -18.30
C VAL B 344 -18.67 -14.03 -17.76
N GLU B 345 -19.36 -12.90 -17.55
CA GLU B 345 -20.70 -12.85 -16.91
C GLU B 345 -21.63 -13.88 -17.54
N SER B 346 -21.63 -14.00 -18.87
CA SER B 346 -22.61 -14.82 -19.63
C SER B 346 -22.18 -16.31 -19.65
N GLN B 347 -21.21 -16.70 -18.82
CA GLN B 347 -20.73 -18.10 -18.72
C GLN B 347 -20.59 -18.54 -17.25
N LEU B 348 -21.05 -17.76 -16.28
CA LEU B 348 -20.91 -18.09 -14.84
C LEU B 348 -21.71 -19.36 -14.55
N PRO B 349 -21.21 -20.27 -13.68
CA PRO B 349 -21.91 -21.51 -13.40
C PRO B 349 -23.26 -21.20 -12.73
N GLU B 350 -24.29 -21.98 -13.03
CA GLU B 350 -25.68 -21.75 -12.55
C GLU B 350 -25.84 -22.31 -11.13
N LYS B 351 -25.23 -23.47 -10.86
CA LYS B 351 -25.22 -24.12 -9.51
C LYS B 351 -23.80 -24.03 -8.94
N VAL B 352 -23.62 -23.32 -7.82
CA VAL B 352 -22.32 -23.17 -7.09
C VAL B 352 -22.46 -23.82 -5.72
N GLU B 353 -21.76 -24.93 -5.50
CA GLU B 353 -21.87 -25.79 -4.29
C GLU B 353 -20.59 -25.66 -3.46
N TYR B 354 -20.71 -25.69 -2.13
CA TYR B 354 -19.59 -25.70 -1.16
C TYR B 354 -20.00 -26.51 0.08
N VAL B 355 -19.02 -27.04 0.80
CA VAL B 355 -19.20 -27.76 2.10
C VAL B 355 -18.58 -26.91 3.22
N ILE B 356 -19.39 -26.52 4.22
CA ILE B 356 -18.95 -25.68 5.38
C ILE B 356 -18.90 -26.56 6.64
N LYS B 357 -17.92 -26.32 7.51
CA LYS B 357 -17.56 -27.25 8.62
C LYS B 357 -17.91 -26.64 9.98
N CYS B 358 -18.20 -27.50 10.94
CA CYS B 358 -18.64 -27.17 12.33
C CYS B 358 -17.74 -27.89 13.34
N ASP B 359 -17.24 -27.15 14.33
CA ASP B 359 -16.75 -27.75 15.60
C ASP B 359 -17.96 -28.32 16.33
N MET B 360 -17.72 -28.99 17.45
CA MET B 360 -18.76 -29.44 18.43
C MET B 360 -18.65 -28.54 19.66
N SER B 361 -19.77 -28.25 20.31
CA SER B 361 -19.78 -27.73 21.71
C SER B 361 -19.05 -28.75 22.58
N ALA B 362 -18.57 -28.33 23.74
CA ALA B 362 -18.06 -29.24 24.80
C ALA B 362 -19.12 -30.30 25.12
N LEU B 363 -20.40 -29.89 25.18
CA LEU B 363 -21.55 -30.78 25.48
C LEU B 363 -21.67 -31.83 24.36
N GLN B 364 -21.72 -31.37 23.09
CA GLN B 364 -21.77 -32.25 21.90
C GLN B 364 -20.72 -33.36 22.03
N LYS B 365 -19.48 -33.00 22.38
CA LYS B 365 -18.34 -33.95 22.52
C LYS B 365 -18.75 -35.09 23.48
N ILE B 366 -19.05 -34.75 24.73
CA ILE B 366 -19.30 -35.70 25.86
C ILE B 366 -20.45 -36.66 25.48
N LEU B 367 -21.54 -36.14 24.92
CA LEU B 367 -22.71 -36.94 24.46
C LEU B 367 -22.27 -37.89 23.35
N TYR B 368 -21.49 -37.38 22.38
CA TYR B 368 -20.96 -38.13 21.21
C TYR B 368 -20.12 -39.31 21.69
N ARG B 369 -19.11 -39.03 22.54
CA ARG B 369 -18.17 -40.06 23.08
C ARG B 369 -18.97 -41.17 23.78
N HIS B 370 -20.08 -40.82 24.44
CA HIS B 370 -20.95 -41.74 25.21
C HIS B 370 -21.69 -42.69 24.27
N MET B 371 -22.41 -42.14 23.28
CA MET B 371 -23.23 -42.91 22.31
C MET B 371 -22.32 -43.71 21.36
N GLN B 372 -21.06 -43.30 21.21
CA GLN B 372 -20.06 -44.02 20.36
C GLN B 372 -19.64 -45.31 21.08
N ALA B 373 -19.05 -45.17 22.28
CA ALA B 373 -18.45 -46.27 23.07
C ALA B 373 -19.52 -47.04 23.86
N LYS B 374 -20.80 -46.83 23.53
CA LYS B 374 -21.95 -47.66 24.00
C LYS B 374 -22.31 -48.68 22.90
N GLY B 375 -22.26 -48.25 21.64
CA GLY B 375 -22.56 -49.05 20.43
C GLY B 375 -21.62 -50.24 20.26
N ILE B 376 -20.32 -50.05 20.50
CA ILE B 376 -19.27 -51.11 20.36
C ILE B 376 -19.23 -51.98 21.62
N LEU B 377 -19.37 -51.37 22.81
CA LEU B 377 -19.48 -52.09 24.11
C LEU B 377 -20.95 -52.25 24.49
N ALA B 392 -27.39 -54.97 11.21
CA ALA B 392 -28.21 -54.76 12.42
C ALA B 392 -29.00 -53.45 12.28
N LYS B 393 -30.16 -53.37 12.96
CA LYS B 393 -30.99 -52.14 13.08
C LYS B 393 -30.68 -51.47 14.42
N THR B 394 -29.75 -52.04 15.20
CA THR B 394 -29.16 -51.43 16.42
C THR B 394 -28.13 -50.39 16.00
N LEU B 395 -27.24 -50.76 15.07
CA LEU B 395 -26.23 -49.85 14.46
C LEU B 395 -26.97 -48.69 13.79
N MET B 396 -27.92 -49.02 12.90
CA MET B 396 -28.79 -48.02 12.21
C MET B 396 -29.24 -46.98 13.23
N ASN B 397 -29.58 -47.42 14.45
CA ASN B 397 -30.08 -46.58 15.58
C ASN B 397 -28.93 -45.73 16.16
N THR B 398 -27.74 -46.31 16.37
CA THR B 398 -26.56 -45.60 16.92
C THR B 398 -26.18 -44.43 15.99
N ILE B 399 -26.39 -44.59 14.68
CA ILE B 399 -26.11 -43.53 13.66
C ILE B 399 -27.19 -42.43 13.74
N MET B 400 -28.42 -42.77 14.16
CA MET B 400 -29.50 -41.77 14.40
C MET B 400 -29.10 -40.86 15.58
N GLN B 401 -28.69 -41.44 16.71
CA GLN B 401 -28.37 -40.71 17.96
C GLN B 401 -27.17 -39.77 17.72
N LEU B 402 -26.14 -40.24 17.01
CA LEU B 402 -24.92 -39.43 16.70
C LEU B 402 -25.30 -38.25 15.79
N ARG B 403 -26.26 -38.43 14.88
CA ARG B 403 -26.78 -37.35 13.99
C ARG B 403 -27.53 -36.30 14.81
N LYS B 404 -28.26 -36.71 15.85
CA LYS B 404 -29.06 -35.78 16.70
C LYS B 404 -28.11 -34.88 17.48
N ILE B 405 -27.00 -35.43 17.97
CA ILE B 405 -25.98 -34.69 18.77
C ILE B 405 -25.35 -33.59 17.89
N CYS B 406 -24.79 -33.97 16.73
CA CYS B 406 -24.23 -33.04 15.71
C CYS B 406 -25.26 -31.97 15.37
N ASN B 407 -26.54 -32.34 15.30
CA ASN B 407 -27.69 -31.43 15.02
C ASN B 407 -27.89 -30.48 16.20
N HIS B 408 -28.21 -31.00 17.39
CA HIS B 408 -28.38 -30.18 18.63
C HIS B 408 -28.45 -31.08 19.87
N PRO B 409 -27.63 -30.84 20.91
CA PRO B 409 -27.76 -31.56 22.19
C PRO B 409 -29.10 -31.40 22.91
N TYR B 410 -29.79 -30.26 22.74
CA TYR B 410 -31.10 -29.97 23.39
C TYR B 410 -32.25 -30.66 22.65
N MET B 411 -31.97 -31.48 21.63
CA MET B 411 -32.95 -32.46 21.09
C MET B 411 -33.30 -33.44 22.22
N PHE B 412 -32.30 -33.80 23.04
CA PHE B 412 -32.47 -34.60 24.28
C PHE B 412 -33.07 -33.68 25.35
N GLN B 413 -34.38 -33.82 25.57
CA GLN B 413 -35.19 -32.86 26.38
C GLN B 413 -34.61 -32.75 27.80
N HIS B 414 -34.18 -33.86 28.40
CA HIS B 414 -33.74 -33.95 29.82
C HIS B 414 -32.36 -33.30 29.99
N ILE B 415 -31.57 -33.22 28.90
CA ILE B 415 -30.25 -32.52 28.86
C ILE B 415 -30.49 -31.01 28.88
N GLU B 416 -31.46 -30.54 28.09
CA GLU B 416 -31.82 -29.10 27.94
C GLU B 416 -32.30 -28.56 29.29
N GLU B 417 -33.15 -29.31 29.99
CA GLU B 417 -33.84 -28.87 31.23
C GLU B 417 -32.82 -28.67 32.36
N SER B 418 -31.89 -29.62 32.52
CA SER B 418 -30.87 -29.64 33.59
C SER B 418 -29.81 -28.56 33.35
N PHE B 419 -29.50 -28.24 32.09
CA PHE B 419 -28.49 -27.24 31.69
C PHE B 419 -29.02 -25.82 31.93
N ALA B 420 -30.31 -25.59 31.63
CA ALA B 420 -31.03 -24.32 31.88
C ALA B 420 -30.95 -23.98 33.38
N GLU B 421 -31.12 -24.98 34.27
CA GLU B 421 -31.02 -24.80 35.75
C GLU B 421 -29.68 -24.16 36.10
N HIS B 422 -28.61 -24.62 35.43
CA HIS B 422 -27.19 -24.29 35.70
C HIS B 422 -26.77 -23.02 34.94
N LEU B 423 -27.39 -22.74 33.78
CA LEU B 423 -27.11 -21.54 32.94
C LEU B 423 -27.81 -20.30 33.50
N GLY B 424 -28.76 -20.48 34.43
CA GLY B 424 -29.41 -19.39 35.18
C GLY B 424 -30.88 -19.20 34.81
N TYR B 425 -31.50 -20.21 34.19
CA TYR B 425 -32.95 -20.26 33.84
C TYR B 425 -33.68 -21.17 34.83
N SER B 426 -34.41 -20.57 35.79
CA SER B 426 -35.30 -21.29 36.74
C SER B 426 -36.39 -22.00 35.93
N ASN B 427 -36.98 -21.24 34.99
CA ASN B 427 -37.89 -21.60 33.88
C ASN B 427 -37.68 -23.06 33.40
N GLY B 428 -36.44 -23.39 33.03
CA GLY B 428 -36.06 -24.67 32.42
C GLY B 428 -36.16 -24.62 30.90
N VAL B 429 -36.29 -23.43 30.32
CA VAL B 429 -36.46 -23.20 28.86
C VAL B 429 -35.32 -22.30 28.37
N ILE B 430 -34.39 -22.88 27.59
CA ILE B 430 -33.17 -22.19 27.05
C ILE B 430 -33.63 -21.18 26.00
N ASN B 431 -32.97 -20.03 25.96
CA ASN B 431 -33.44 -18.77 25.34
C ASN B 431 -32.25 -18.04 24.71
N GLY B 432 -32.48 -17.19 23.71
CA GLY B 432 -31.49 -16.21 23.18
C GLY B 432 -30.38 -16.88 22.41
N ALA B 433 -29.12 -16.49 22.68
CA ALA B 433 -27.90 -17.02 22.03
C ALA B 433 -27.64 -18.47 22.45
N GLU B 434 -27.93 -18.82 23.72
CA GLU B 434 -27.64 -20.14 24.32
C GLU B 434 -28.22 -21.28 23.46
N LEU B 435 -29.22 -20.98 22.62
CA LEU B 435 -29.77 -21.89 21.58
C LEU B 435 -28.64 -22.35 20.65
N TYR B 436 -27.97 -21.39 20.00
CA TYR B 436 -26.93 -21.65 18.97
C TYR B 436 -25.60 -22.04 19.62
N ARG B 437 -25.34 -21.62 20.86
CA ARG B 437 -24.04 -21.81 21.56
C ARG B 437 -23.76 -23.30 21.82
N ALA B 438 -24.79 -24.13 21.92
CA ALA B 438 -24.71 -25.55 22.32
C ALA B 438 -24.50 -26.45 21.10
N SER B 439 -24.57 -25.90 19.88
CA SER B 439 -24.43 -26.68 18.62
C SER B 439 -23.53 -25.94 17.62
N GLY B 440 -22.43 -26.59 17.21
CA GLY B 440 -21.54 -26.11 16.14
C GLY B 440 -22.33 -25.67 14.93
N LYS B 441 -23.30 -26.48 14.49
CA LYS B 441 -24.06 -26.28 13.22
C LYS B 441 -24.99 -25.06 13.33
N PHE B 442 -25.67 -24.90 14.47
CA PHE B 442 -26.59 -23.76 14.73
C PHE B 442 -25.76 -22.47 14.80
N GLU B 443 -24.62 -22.52 15.50
CA GLU B 443 -23.69 -21.37 15.67
C GLU B 443 -23.17 -20.91 14.28
N LEU B 444 -22.84 -21.86 13.41
CA LEU B 444 -22.35 -21.60 12.03
C LEU B 444 -23.47 -21.00 11.18
N LEU B 445 -24.67 -21.62 11.21
CA LEU B 445 -25.90 -21.14 10.51
C LEU B 445 -26.17 -19.68 10.89
N ASP B 446 -25.93 -19.31 12.15
CA ASP B 446 -26.12 -17.93 12.68
C ASP B 446 -25.17 -16.95 11.97
N ARG B 447 -24.10 -17.45 11.34
CA ARG B 447 -23.10 -16.62 10.59
C ARG B 447 -23.35 -16.73 9.07
N ILE B 448 -24.39 -17.45 8.64
CA ILE B 448 -24.79 -17.59 7.20
C ILE B 448 -26.04 -16.74 6.97
N LEU B 449 -27.12 -17.00 7.73
CA LEU B 449 -28.49 -16.53 7.42
C LEU B 449 -28.57 -14.99 7.51
N PRO B 450 -28.15 -14.33 8.61
CA PRO B 450 -28.13 -12.88 8.64
C PRO B 450 -27.55 -12.31 7.35
N LYS B 451 -26.37 -12.79 6.96
CA LYS B 451 -25.66 -12.34 5.73
C LYS B 451 -26.57 -12.51 4.52
N LEU B 452 -27.11 -13.71 4.31
CA LEU B 452 -28.01 -14.01 3.16
C LEU B 452 -29.19 -13.03 3.17
N ARG B 453 -29.76 -12.74 4.34
CA ARG B 453 -30.97 -11.87 4.49
C ARG B 453 -30.61 -10.43 4.13
N ALA B 454 -29.46 -9.93 4.59
CA ALA B 454 -28.95 -8.57 4.35
C ALA B 454 -28.76 -8.31 2.84
N THR B 455 -28.66 -9.36 2.01
CA THR B 455 -28.48 -9.27 0.54
C THR B 455 -29.79 -9.68 -0.17
N ASN B 456 -30.90 -9.75 0.57
CA ASN B 456 -32.27 -10.03 0.04
C ASN B 456 -32.27 -11.34 -0.74
N HIS B 457 -31.47 -12.34 -0.33
CA HIS B 457 -31.47 -13.71 -0.89
C HIS B 457 -32.55 -14.54 -0.18
N ARG B 458 -33.20 -15.45 -0.89
CA ARG B 458 -34.34 -16.25 -0.37
C ARG B 458 -33.89 -17.71 -0.28
N VAL B 459 -33.77 -18.23 0.93
CA VAL B 459 -33.14 -19.55 1.25
C VAL B 459 -34.18 -20.66 1.15
N LEU B 460 -33.73 -21.89 0.88
CA LEU B 460 -34.48 -23.16 1.04
C LEU B 460 -33.64 -24.08 1.95
N LEU B 461 -34.11 -24.34 3.17
CA LEU B 461 -33.33 -25.03 4.23
C LEU B 461 -33.92 -26.43 4.50
N PHE B 462 -33.22 -27.48 4.06
CA PHE B 462 -33.57 -28.91 4.27
C PHE B 462 -33.28 -29.29 5.72
N CYS B 463 -34.22 -30.00 6.36
CA CYS B 463 -34.07 -30.59 7.72
C CYS B 463 -34.81 -31.93 7.79
N GLN B 464 -34.12 -33.02 7.46
CA GLN B 464 -34.66 -34.40 7.34
C GLN B 464 -35.35 -34.83 8.65
N MET B 465 -34.83 -34.40 9.82
CA MET B 465 -35.40 -34.73 11.16
C MET B 465 -36.53 -33.75 11.49
N THR B 466 -37.74 -34.28 11.71
CA THR B 466 -38.97 -33.49 12.02
C THR B 466 -38.95 -33.09 13.51
N SER B 467 -38.18 -33.82 14.33
CA SER B 467 -37.92 -33.52 15.77
C SER B 467 -37.22 -32.16 15.89
N LEU B 468 -36.21 -31.93 15.05
CA LEU B 468 -35.28 -30.76 15.07
C LEU B 468 -36.05 -29.46 14.78
N MET B 469 -37.10 -29.54 13.97
CA MET B 469 -37.84 -28.37 13.42
C MET B 469 -38.42 -27.49 14.55
N THR B 470 -38.76 -28.07 15.71
CA THR B 470 -39.17 -27.31 16.91
C THR B 470 -38.07 -26.31 17.28
N ILE B 471 -36.80 -26.77 17.27
CA ILE B 471 -35.61 -25.98 17.72
C ILE B 471 -35.22 -25.00 16.61
N MET B 472 -35.37 -25.42 15.35
CA MET B 472 -35.16 -24.56 14.16
C MET B 472 -36.11 -23.36 14.22
N GLU B 473 -37.42 -23.63 14.36
CA GLU B 473 -38.50 -22.60 14.43
C GLU B 473 -38.23 -21.64 15.60
N ASP B 474 -37.82 -22.17 16.76
CA ASP B 474 -37.47 -21.37 17.97
C ASP B 474 -36.23 -20.50 17.69
N TYR B 475 -35.31 -20.96 16.83
CA TYR B 475 -34.11 -20.17 16.42
C TYR B 475 -34.55 -19.01 15.49
N PHE B 476 -35.36 -19.30 14.47
CA PHE B 476 -35.87 -18.28 13.51
C PHE B 476 -36.67 -17.23 14.26
N ALA B 477 -37.48 -17.66 15.25
CA ALA B 477 -38.23 -16.80 16.18
C ALA B 477 -37.27 -15.79 16.84
N PHE B 478 -36.16 -16.28 17.39
CA PHE B 478 -35.09 -15.49 18.07
C PHE B 478 -34.49 -14.44 17.13
N ARG B 479 -34.18 -14.80 15.88
CA ARG B 479 -33.51 -13.89 14.90
C ARG B 479 -34.57 -13.16 14.05
N ASN B 480 -35.85 -13.46 14.26
CA ASN B 480 -37.01 -12.82 13.60
C ASN B 480 -36.89 -12.98 12.07
N PHE B 481 -36.74 -14.22 11.61
CA PHE B 481 -36.75 -14.60 10.18
C PHE B 481 -38.15 -15.09 9.82
N LEU B 482 -38.84 -14.41 8.87
CA LEU B 482 -40.14 -14.85 8.32
C LEU B 482 -39.95 -16.15 7.50
N TYR B 483 -40.78 -17.17 7.73
CA TYR B 483 -40.57 -18.52 7.16
C TYR B 483 -41.89 -19.29 7.00
N LEU B 484 -41.86 -20.30 6.13
CA LEU B 484 -42.91 -21.35 5.98
C LEU B 484 -42.27 -22.72 6.25
N ARG B 485 -43.07 -23.67 6.75
CA ARG B 485 -42.67 -25.06 7.10
C ARG B 485 -43.47 -26.04 6.25
N LEU B 486 -42.85 -27.14 5.79
CA LEU B 486 -43.50 -28.21 4.98
C LEU B 486 -42.97 -29.57 5.43
N ASP B 487 -43.85 -30.44 5.94
CA ASP B 487 -43.53 -31.80 6.45
C ASP B 487 -44.34 -32.85 5.69
N GLY B 488 -44.19 -34.12 6.07
CA GLY B 488 -45.08 -35.22 5.66
C GLY B 488 -46.37 -35.23 6.48
N THR B 489 -46.56 -34.26 7.39
CA THR B 489 -47.79 -34.06 8.21
C THR B 489 -48.59 -32.87 7.67
N THR B 490 -48.39 -32.52 6.39
CA THR B 490 -49.11 -31.44 5.65
C THR B 490 -49.78 -32.08 4.42
N LYS B 491 -51.10 -31.91 4.25
CA LYS B 491 -51.90 -32.52 3.16
C LYS B 491 -51.70 -31.72 1.87
N SER B 492 -51.97 -32.35 0.72
CA SER B 492 -51.79 -31.82 -0.67
C SER B 492 -52.48 -30.45 -0.83
N GLU B 493 -53.61 -30.23 -0.16
CA GLU B 493 -54.35 -28.93 -0.21
C GLU B 493 -53.50 -27.84 0.45
N ASP B 494 -53.05 -28.07 1.69
CA ASP B 494 -52.19 -27.15 2.48
C ASP B 494 -50.85 -26.92 1.75
N ARG B 495 -50.23 -27.99 1.26
CA ARG B 495 -48.94 -27.96 0.51
C ARG B 495 -49.00 -26.90 -0.60
N ALA B 496 -49.89 -27.10 -1.58
CA ALA B 496 -50.09 -26.22 -2.77
C ALA B 496 -50.09 -24.75 -2.36
N ALA B 497 -50.86 -24.39 -1.33
CA ALA B 497 -51.04 -23.01 -0.80
C ALA B 497 -49.70 -22.47 -0.28
N LEU B 498 -48.99 -23.25 0.54
CA LEU B 498 -47.66 -22.90 1.10
C LEU B 498 -46.70 -22.50 -0.03
N LEU B 499 -46.58 -23.34 -1.06
CA LEU B 499 -45.72 -23.10 -2.25
C LEU B 499 -46.14 -21.79 -2.95
N LYS B 500 -47.44 -21.58 -3.14
CA LYS B 500 -48.00 -20.37 -3.81
C LYS B 500 -47.57 -19.12 -3.03
N LYS B 501 -47.55 -19.21 -1.69
CA LYS B 501 -47.26 -18.07 -0.79
C LYS B 501 -45.79 -17.64 -0.98
N PHE B 502 -44.87 -18.60 -1.02
CA PHE B 502 -43.41 -18.37 -1.15
C PHE B 502 -43.07 -17.83 -2.54
N ASN B 503 -43.83 -18.24 -3.56
CA ASN B 503 -43.49 -18.06 -4.99
C ASN B 503 -44.14 -16.79 -5.56
N GLU B 504 -45.24 -16.31 -4.96
CA GLU B 504 -45.95 -15.12 -5.48
C GLU B 504 -45.01 -13.93 -5.38
N PRO B 505 -44.93 -13.07 -6.44
CA PRO B 505 -44.10 -11.87 -6.41
C PRO B 505 -44.39 -10.92 -5.24
N GLY B 506 -43.36 -10.66 -4.43
CA GLY B 506 -43.43 -9.78 -3.25
C GLY B 506 -43.23 -10.54 -1.95
N SER B 507 -43.44 -11.86 -1.96
CA SER B 507 -43.46 -12.72 -0.75
C SER B 507 -42.30 -12.32 0.17
N GLN B 508 -42.61 -11.92 1.42
CA GLN B 508 -41.62 -11.52 2.46
C GLN B 508 -41.13 -12.75 3.23
N TYR B 509 -41.54 -13.95 2.80
CA TYR B 509 -41.10 -15.24 3.40
C TYR B 509 -39.65 -15.52 2.97
N PHE B 510 -38.70 -15.33 3.89
CA PHE B 510 -37.24 -15.40 3.65
C PHE B 510 -36.78 -16.86 3.54
N ILE B 511 -37.08 -17.69 4.54
CA ILE B 511 -36.68 -19.12 4.62
C ILE B 511 -37.88 -20.01 4.29
N PHE B 512 -37.65 -21.11 3.58
CA PHE B 512 -38.63 -22.22 3.35
C PHE B 512 -38.07 -23.51 3.96
N LEU B 513 -38.44 -23.76 5.23
CA LEU B 513 -38.07 -24.96 6.03
C LEU B 513 -38.79 -26.18 5.43
N LEU B 514 -38.06 -27.25 5.11
CA LEU B 514 -38.57 -28.43 4.35
C LEU B 514 -38.09 -29.73 5.00
N SER B 515 -38.92 -30.78 4.90
CA SER B 515 -38.65 -32.17 5.36
C SER B 515 -38.68 -33.10 4.14
N THR B 516 -37.56 -33.78 3.86
CA THR B 516 -37.40 -34.86 2.83
C THR B 516 -37.64 -34.26 1.43
N LEU B 523 -41.08 -30.53 -5.65
CA LEU B 523 -41.50 -29.17 -5.24
C LEU B 523 -40.66 -28.13 -6.00
N ASN B 524 -41.32 -27.16 -6.64
CA ASN B 524 -40.69 -26.15 -7.56
C ASN B 524 -40.63 -24.78 -6.87
N LEU B 525 -39.51 -24.47 -6.20
CA LEU B 525 -39.27 -23.19 -5.47
C LEU B 525 -38.25 -22.33 -6.23
N GLN B 526 -38.60 -21.97 -7.47
CA GLN B 526 -37.76 -21.14 -8.38
C GLN B 526 -37.43 -19.79 -7.72
N ALA B 527 -38.31 -19.32 -6.82
CA ALA B 527 -38.14 -18.08 -6.01
C ALA B 527 -36.88 -18.19 -5.13
N ALA B 528 -36.52 -19.40 -4.69
CA ALA B 528 -35.36 -19.68 -3.81
C ALA B 528 -34.08 -19.70 -4.67
N ASP B 529 -33.10 -18.86 -4.31
CA ASP B 529 -31.80 -18.73 -5.04
C ASP B 529 -30.66 -19.15 -4.12
N THR B 530 -30.95 -19.81 -3.00
CA THR B 530 -29.97 -20.28 -1.99
C THR B 530 -30.54 -21.53 -1.30
N VAL B 531 -29.74 -22.59 -1.14
CA VAL B 531 -30.18 -23.91 -0.61
C VAL B 531 -29.22 -24.36 0.49
N VAL B 532 -29.62 -24.24 1.75
CA VAL B 532 -28.82 -24.71 2.93
C VAL B 532 -29.30 -26.12 3.30
N ILE B 533 -28.53 -27.15 2.96
CA ILE B 533 -28.77 -28.55 3.41
C ILE B 533 -28.26 -28.65 4.85
N PHE B 534 -29.14 -28.99 5.80
CA PHE B 534 -28.84 -28.98 7.26
C PHE B 534 -28.53 -30.40 7.76
N ASP B 535 -29.24 -31.43 7.27
CA ASP B 535 -28.86 -32.87 7.44
C ASP B 535 -29.50 -33.70 6.32
N SER B 536 -28.69 -34.53 5.65
CA SER B 536 -28.98 -35.16 4.33
C SER B 536 -29.08 -36.68 4.43
N ASP B 537 -29.15 -37.34 3.26
CA ASP B 537 -29.34 -38.80 3.03
C ASP B 537 -30.20 -39.41 4.14
N ASN B 550 -30.44 -15.74 -11.73
CA ASN B 550 -31.02 -17.10 -11.62
C ASN B 550 -29.92 -18.13 -11.26
N GLU B 551 -28.87 -17.69 -10.55
CA GLU B 551 -27.81 -18.58 -10.01
C GLU B 551 -28.29 -19.15 -8.67
N VAL B 552 -28.10 -20.46 -8.45
CA VAL B 552 -28.51 -21.18 -7.20
C VAL B 552 -27.25 -21.54 -6.40
N ARG B 553 -27.10 -20.92 -5.21
CA ARG B 553 -25.98 -21.16 -4.27
C ARG B 553 -26.40 -22.25 -3.27
N VAL B 554 -25.68 -23.38 -3.24
CA VAL B 554 -25.96 -24.54 -2.33
C VAL B 554 -24.87 -24.61 -1.27
N LEU B 555 -25.26 -24.76 0.00
CA LEU B 555 -24.33 -24.83 1.15
C LEU B 555 -24.72 -26.03 2.02
N ARG B 556 -23.96 -27.12 1.94
CA ARG B 556 -24.12 -28.30 2.83
C ARG B 556 -23.29 -28.07 4.09
N LEU B 557 -23.92 -27.99 5.25
CA LEU B 557 -23.20 -27.98 6.56
C LEU B 557 -22.75 -29.41 6.86
N CYS B 558 -21.69 -29.56 7.65
CA CYS B 558 -21.08 -30.88 7.99
C CYS B 558 -20.20 -30.74 9.24
N THR B 559 -20.48 -31.54 10.27
CA THR B 559 -19.73 -31.52 11.55
C THR B 559 -18.33 -32.08 11.32
N VAL B 560 -17.34 -31.64 12.12
CA VAL B 560 -15.92 -32.08 12.04
C VAL B 560 -15.76 -33.40 12.82
N ASN B 561 -14.91 -34.29 12.31
CA ASN B 561 -14.63 -35.62 12.89
C ASN B 561 -15.94 -36.18 13.44
N SER B 562 -16.95 -36.30 12.57
CA SER B 562 -18.30 -36.84 12.91
C SER B 562 -18.71 -37.89 11.88
N VAL B 563 -19.88 -38.50 12.09
CA VAL B 563 -20.52 -39.45 11.13
C VAL B 563 -20.90 -38.67 9.86
N GLU B 564 -21.29 -37.40 10.01
CA GLU B 564 -21.80 -36.53 8.91
C GLU B 564 -20.76 -36.45 7.78
N GLU B 565 -19.47 -36.52 8.11
CA GLU B 565 -18.36 -36.58 7.12
C GLU B 565 -18.49 -37.89 6.32
N LYS B 566 -18.83 -38.99 6.99
CA LYS B 566 -18.84 -40.37 6.43
C LYS B 566 -20.04 -40.56 5.49
N ILE B 567 -21.17 -39.91 5.79
CA ILE B 567 -22.40 -39.99 4.96
C ILE B 567 -22.13 -39.26 3.63
N LEU B 568 -21.46 -38.10 3.69
CA LEU B 568 -21.06 -37.29 2.51
C LEU B 568 -20.20 -38.15 1.56
N ALA B 569 -19.29 -38.96 2.11
CA ALA B 569 -18.39 -39.87 1.35
C ALA B 569 -19.22 -40.98 0.70
N ALA B 570 -20.55 -40.99 0.88
CA ALA B 570 -21.50 -41.89 0.19
C ALA B 570 -22.08 -41.23 -1.07
N ALA B 571 -21.22 -40.79 -1.99
CA ALA B 571 -21.57 -40.17 -3.29
C ALA B 571 -21.42 -41.20 -4.41
N SER B 593 -25.78 -59.31 3.20
CA SER B 593 -26.24 -58.82 4.54
C SER B 593 -25.11 -58.91 5.58
N HIS B 594 -24.03 -59.64 5.30
CA HIS B 594 -22.75 -59.57 6.05
C HIS B 594 -22.00 -58.29 5.64
N GLU B 595 -22.13 -57.86 4.38
CA GLU B 595 -21.32 -56.77 3.78
C GLU B 595 -22.04 -55.42 3.97
N ARG B 596 -23.37 -55.44 4.12
CA ARG B 596 -24.19 -54.21 4.36
C ARG B 596 -24.09 -53.82 5.85
N ARG B 597 -23.68 -54.74 6.73
CA ARG B 597 -23.37 -54.48 8.16
C ARG B 597 -21.96 -53.92 8.29
N ALA B 598 -21.02 -54.42 7.47
CA ALA B 598 -19.60 -53.96 7.42
C ALA B 598 -19.53 -52.55 6.82
N PHE B 599 -20.54 -52.15 6.03
CA PHE B 599 -20.67 -50.79 5.44
C PHE B 599 -21.14 -49.80 6.52
N LEU B 600 -22.07 -50.21 7.39
CA LEU B 600 -22.62 -49.35 8.47
C LEU B 600 -21.58 -49.18 9.58
N GLN B 601 -20.63 -50.10 9.71
CA GLN B 601 -19.53 -50.03 10.71
C GLN B 601 -18.38 -49.17 10.17
N ALA B 602 -18.24 -49.05 8.84
CA ALA B 602 -17.28 -48.13 8.16
C ALA B 602 -17.79 -46.69 8.31
N ILE B 603 -19.11 -46.50 8.44
CA ILE B 603 -19.78 -45.21 8.77
C ILE B 603 -19.44 -44.82 10.22
N LEU B 604 -19.21 -45.79 11.10
CA LEU B 604 -19.06 -45.57 12.56
C LEU B 604 -17.58 -45.54 13.00
N GLU B 605 -16.62 -45.66 12.08
CA GLU B 605 -15.18 -45.80 12.43
C GLU B 605 -14.61 -44.47 12.92
N HIS B 606 -14.99 -44.05 14.13
CA HIS B 606 -14.58 -42.76 14.74
C HIS B 606 -13.22 -42.93 15.44
N GLU B 607 -12.48 -41.82 15.57
CA GLU B 607 -11.13 -41.75 16.19
C GLU B 607 -10.94 -40.33 16.73
N GLU B 608 -10.74 -40.17 18.05
CA GLU B 608 -10.56 -38.83 18.66
C GLU B 608 -9.24 -38.24 18.16
N GLU B 609 -9.23 -36.94 17.83
CA GLU B 609 -8.10 -36.24 17.16
C GLU B 609 -7.77 -34.95 17.90
N ASN B 610 -6.53 -34.48 17.77
CA ASN B 610 -6.07 -33.14 18.21
C ASN B 610 -4.98 -32.65 17.26
N GLU B 611 -5.33 -32.42 15.99
CA GLU B 611 -4.41 -31.86 14.97
C GLU B 611 -4.31 -30.35 15.18
N GLU B 612 -3.37 -29.70 14.49
CA GLU B 612 -2.86 -28.34 14.80
C GLU B 612 -3.78 -27.28 14.18
N GLU B 613 -4.04 -27.39 12.88
CA GLU B 613 -4.79 -26.38 12.07
C GLU B 613 -6.27 -26.44 12.42
N ASP B 614 -6.96 -25.30 12.33
CA ASP B 614 -8.43 -25.15 12.50
C ASP B 614 -9.13 -25.93 11.38
N GLU B 615 -10.05 -26.85 11.70
CA GLU B 615 -10.80 -27.61 10.67
C GLU B 615 -12.03 -26.81 10.24
N VAL B 616 -12.37 -25.75 10.99
CA VAL B 616 -13.48 -24.80 10.65
C VAL B 616 -12.90 -23.61 9.91
N PRO B 617 -13.59 -23.06 8.89
CA PRO B 617 -13.05 -21.94 8.11
C PRO B 617 -12.93 -20.65 8.94
N ASP B 618 -11.99 -19.76 8.58
CA ASP B 618 -11.94 -18.37 9.10
C ASP B 618 -13.04 -17.56 8.39
N ASP B 619 -13.18 -16.28 8.73
CA ASP B 619 -14.27 -15.40 8.21
C ASP B 619 -14.09 -15.17 6.70
N GLU B 620 -12.85 -15.12 6.21
CA GLU B 620 -12.53 -14.81 4.78
C GLU B 620 -12.92 -16.00 3.88
N THR B 621 -12.58 -17.23 4.27
CA THR B 621 -12.93 -18.46 3.52
C THR B 621 -14.45 -18.62 3.47
N LEU B 622 -15.14 -18.29 4.57
CA LEU B 622 -16.60 -18.52 4.75
C LEU B 622 -17.40 -17.56 3.88
N ASN B 623 -17.07 -16.26 3.94
CA ASN B 623 -17.78 -15.17 3.22
C ASN B 623 -17.51 -15.29 1.71
N GLN B 624 -16.42 -15.96 1.34
CA GLN B 624 -16.09 -16.30 -0.07
C GLN B 624 -17.10 -17.33 -0.62
N MET B 625 -17.62 -18.23 0.23
CA MET B 625 -18.57 -19.32 -0.15
C MET B 625 -20.02 -18.81 -0.17
N ILE B 626 -20.36 -17.83 0.68
CA ILE B 626 -21.74 -17.28 0.84
C ILE B 626 -22.00 -16.20 -0.22
N ALA B 627 -20.97 -15.39 -0.52
CA ALA B 627 -21.05 -14.16 -1.37
C ALA B 627 -21.03 -14.54 -2.86
N ARG B 628 -21.78 -13.79 -3.68
CA ARG B 628 -21.87 -13.97 -5.16
C ARG B 628 -21.14 -12.84 -5.89
N ARG B 629 -20.68 -11.80 -5.18
CA ARG B 629 -20.06 -10.57 -5.77
C ARG B 629 -19.19 -9.85 -4.72
N GLU B 630 -18.30 -8.97 -5.19
CA GLU B 630 -17.35 -8.17 -4.37
C GLU B 630 -18.09 -7.44 -3.25
N GLU B 631 -19.27 -6.89 -3.55
CA GLU B 631 -20.07 -6.10 -2.58
C GLU B 631 -20.56 -7.00 -1.45
N GLU B 632 -21.06 -8.20 -1.78
CA GLU B 632 -21.59 -9.19 -0.80
C GLU B 632 -20.46 -9.57 0.17
N PHE B 633 -19.29 -9.94 -0.35
CA PHE B 633 -18.09 -10.32 0.45
C PHE B 633 -17.74 -9.15 1.40
N ASP B 634 -17.53 -7.96 0.83
CA ASP B 634 -17.15 -6.73 1.58
C ASP B 634 -18.13 -6.54 2.75
N LEU B 635 -19.43 -6.53 2.44
CA LEU B 635 -20.51 -6.33 3.44
C LEU B 635 -20.36 -7.39 4.54
N PHE B 636 -20.27 -8.67 4.14
CA PHE B 636 -20.23 -9.83 5.06
C PHE B 636 -19.03 -9.70 6.00
N MET B 637 -17.89 -9.21 5.48
CA MET B 637 -16.67 -8.98 6.29
C MET B 637 -17.00 -7.93 7.37
N ARG B 638 -17.71 -6.86 7.00
CA ARG B 638 -18.06 -5.78 7.96
C ARG B 638 -19.04 -6.35 8.99
N MET B 639 -20.05 -7.11 8.53
CA MET B 639 -21.06 -7.78 9.40
C MET B 639 -20.32 -8.66 10.41
N ASP B 640 -19.27 -9.36 9.97
CA ASP B 640 -18.45 -10.23 10.85
C ASP B 640 -17.78 -9.37 11.94
N MET B 641 -17.19 -8.24 11.55
CA MET B 641 -16.44 -7.39 12.51
C MET B 641 -17.45 -6.63 13.39
N ASP B 642 -18.64 -6.32 12.87
CA ASP B 642 -19.76 -5.75 13.64
C ASP B 642 -20.12 -6.70 14.79
N ARG B 643 -20.06 -8.02 14.54
CA ARG B 643 -20.33 -9.06 15.56
C ARG B 643 -19.21 -9.05 16.60
N ARG B 644 -17.96 -8.82 16.19
CA ARG B 644 -16.78 -8.80 17.11
C ARG B 644 -16.83 -7.53 17.99
N ARG B 645 -17.37 -6.43 17.45
CA ARG B 645 -17.58 -5.15 18.17
C ARG B 645 -18.65 -5.35 19.25
N GLU B 646 -19.82 -5.86 18.85
CA GLU B 646 -20.97 -6.20 19.74
C GLU B 646 -20.48 -7.04 20.93
N ASP B 647 -19.71 -8.11 20.65
CA ASP B 647 -19.20 -9.07 21.67
C ASP B 647 -18.22 -8.33 22.60
N ALA B 648 -17.32 -7.51 22.03
CA ALA B 648 -16.27 -6.78 22.77
C ALA B 648 -16.90 -5.94 23.88
N ARG B 649 -17.90 -5.12 23.51
CA ARG B 649 -18.52 -4.13 24.43
C ARG B 649 -19.42 -4.84 25.44
N ASN B 650 -20.11 -5.92 25.05
CA ASN B 650 -20.99 -6.73 25.94
C ASN B 650 -20.27 -7.04 27.25
N PRO B 651 -20.88 -6.76 28.43
CA PRO B 651 -20.22 -6.94 29.73
C PRO B 651 -19.98 -8.40 30.15
N LYS B 652 -20.88 -9.31 29.76
CA LYS B 652 -20.85 -10.75 30.15
C LYS B 652 -20.45 -11.61 28.95
N ARG B 653 -19.25 -11.37 28.40
CA ARG B 653 -18.72 -12.03 27.18
C ARG B 653 -18.64 -13.55 27.40
N LYS B 654 -19.24 -14.33 26.50
CA LYS B 654 -19.07 -15.80 26.41
C LYS B 654 -18.55 -16.11 25.01
N PRO B 655 -17.75 -17.19 24.82
CA PRO B 655 -17.40 -17.63 23.48
C PRO B 655 -18.66 -18.05 22.71
N ARG B 656 -18.58 -18.13 21.38
CA ARG B 656 -19.71 -18.48 20.47
C ARG B 656 -20.10 -19.95 20.65
N LEU B 657 -19.18 -20.80 21.15
CA LEU B 657 -19.44 -22.24 21.44
C LEU B 657 -19.13 -22.54 22.92
N MET B 658 -20.08 -23.18 23.63
CA MET B 658 -19.95 -23.60 25.04
C MET B 658 -18.69 -24.45 25.20
N GLU B 659 -17.75 -24.01 26.05
CA GLU B 659 -16.43 -24.64 26.28
C GLU B 659 -16.42 -25.36 27.62
N GLU B 660 -15.47 -26.29 27.81
CA GLU B 660 -15.46 -27.26 28.95
C GLU B 660 -15.46 -26.53 30.29
N ASP B 661 -14.78 -25.38 30.37
CA ASP B 661 -14.56 -24.64 31.65
C ASP B 661 -15.91 -24.19 32.24
N GLU B 662 -16.96 -24.08 31.41
CA GLU B 662 -18.32 -23.61 31.83
C GLU B 662 -19.31 -24.79 31.85
N LEU B 663 -18.89 -25.96 32.36
CA LEU B 663 -19.75 -27.16 32.49
C LEU B 663 -19.97 -27.47 33.98
N PRO B 664 -21.06 -28.18 34.33
CA PRO B 664 -21.30 -28.64 35.70
C PRO B 664 -20.60 -29.97 35.98
N SER B 665 -20.25 -30.23 37.25
CA SER B 665 -19.46 -31.42 37.68
C SER B 665 -20.28 -32.71 37.61
N TRP B 666 -21.53 -32.67 37.13
CA TRP B 666 -22.44 -33.84 37.09
C TRP B 666 -22.56 -34.40 35.66
N ILE B 667 -21.92 -33.77 34.67
CA ILE B 667 -21.92 -34.26 33.26
C ILE B 667 -20.50 -34.71 32.86
N ILE B 668 -19.48 -34.40 33.67
CA ILE B 668 -18.06 -34.39 33.22
C ILE B 668 -17.50 -35.83 33.18
N LYS B 669 -17.82 -36.66 34.17
CA LYS B 669 -17.28 -38.04 34.28
C LYS B 669 -18.32 -38.97 34.90
N ASP B 670 -19.57 -38.89 34.42
CA ASP B 670 -20.74 -39.61 34.98
C ASP B 670 -21.52 -40.27 33.84
N ASP B 671 -21.03 -41.41 33.33
CA ASP B 671 -21.65 -42.15 32.19
C ASP B 671 -23.08 -42.56 32.55
N ALA B 672 -23.38 -42.64 33.86
CA ALA B 672 -24.73 -42.92 34.40
C ALA B 672 -25.65 -41.73 34.07
N GLU B 673 -25.26 -40.52 34.48
CA GLU B 673 -26.05 -39.28 34.36
C GLU B 673 -26.38 -39.01 32.88
N VAL B 674 -25.37 -39.05 32.00
CA VAL B 674 -25.56 -38.82 30.53
C VAL B 674 -26.54 -39.87 30.00
N GLU B 675 -26.48 -41.11 30.49
CA GLU B 675 -27.42 -42.20 30.12
C GLU B 675 -28.80 -41.91 30.76
N ARG B 676 -28.82 -41.38 31.99
CA ARG B 676 -30.07 -41.03 32.74
C ARG B 676 -30.86 -39.94 32.01
N LEU B 677 -30.18 -39.08 31.23
CA LEU B 677 -30.75 -37.87 30.58
C LEU B 677 -31.00 -38.12 29.08
N THR B 678 -30.29 -39.06 28.45
CA THR B 678 -30.34 -39.32 26.98
C THR B 678 -31.41 -40.37 26.64
N CYS B 679 -31.66 -41.34 27.53
CA CYS B 679 -32.52 -42.53 27.28
C CYS B 679 -34.02 -42.15 27.25
N GLU B 680 -34.85 -43.06 26.74
CA GLU B 680 -36.33 -42.93 26.66
C GLU B 680 -36.99 -44.16 27.30
PB ADP C . 3.37 23.57 -11.09
O1B ADP C . 4.60 22.66 -11.11
O2B ADP C . 2.35 23.18 -12.13
O3B ADP C . 2.76 23.69 -9.70
PA ADP C . 3.09 26.13 -12.23
O1A ADP C . 1.96 25.36 -12.82
O2A ADP C . 2.77 27.29 -11.37
O3A ADP C . 3.94 25.03 -11.44
O5' ADP C . 4.08 26.58 -13.42
C5' ADP C . 3.55 26.32 -14.74
C4' ADP C . 4.46 26.89 -15.78
O4' ADP C . 3.72 26.94 -17.02
C3' ADP C . 4.94 28.33 -15.55
O3' ADP C . 6.18 28.58 -16.20
C2' ADP C . 3.82 29.15 -16.17
O2' ADP C . 4.26 30.41 -16.66
C1' ADP C . 3.36 28.27 -17.33
N9 ADP C . 1.92 28.34 -17.54
C8 ADP C . 0.96 27.64 -16.86
N7 ADP C . -0.26 27.93 -17.24
C5 ADP C . -0.09 28.89 -18.22
C6 ADP C . -1.02 29.59 -19.02
N6 ADP C . -2.34 29.45 -18.94
N1 ADP C . -0.51 30.47 -19.92
C2 ADP C . 0.82 30.62 -20.00
N3 ADP C . 1.77 30.02 -19.29
C4 ADP C . 1.25 29.15 -18.41
C4 A1AHQ D . -2.56 13.73 -0.78
C6 A1AHQ D . -1.65 14.80 1.21
C7 A1AHQ D . -1.45 14.87 2.57
C13 A1AHQ D . 0.69 19.75 4.82
C20 A1AHQ D . 1.82 20.57 4.57
C22 A1AHQ D . -1.98 13.87 3.40
F1 A1AHQ D . -3.77 15.79 -1.16
C2 A1AHQ D . -3.92 14.42 -0.96
F3 A1AHQ D . -4.68 13.81 -1.97
N5 A1AHQ D . -2.35 13.76 0.67
N8 A1AHQ D . -0.72 15.97 3.08
C9 A1AHQ D . -1.34 16.80 3.95
O10 A1AHQ D . -2.50 16.59 4.26
C11 A1AHQ D . -0.72 17.99 4.52
C12 A1AHQ D . 0.39 18.61 4.09
C14 A1AHQ D . -0.21 20.04 5.82
S15 A1AHQ D . -1.43 18.86 5.86
C16 A1AHQ D . -0.12 21.22 6.75
F17 A1AHQ D . -1.35 21.41 7.42
F18 A1AHQ D . 0.92 21.00 7.66
F19 A1AHQ D . 0.17 22.38 6.00
N21 A1AHQ D . 2.71 21.26 4.41
C23 A1AHQ D . -2.68 12.85 2.83
F24 A1AHQ D . -3.21 11.90 3.62
C25 A1AHQ D . -2.88 12.80 1.44
O26 A1AHQ D . -3.52 11.87 0.95
PB ADP E . -13.58 -21.46 -6.45
O1B ADP E . -12.29 -22.17 -6.09
O2B ADP E . -13.55 -20.79 -7.81
O3B ADP E . -14.08 -20.55 -5.34
PA ADP E . -14.60 -24.05 -7.18
O1A ADP E . -13.87 -24.91 -6.20
O2A ADP E . -14.08 -23.91 -8.56
O3A ADP E . -14.72 -22.58 -6.56
O5' ADP E . -16.12 -24.50 -7.24
C5' ADP E . -16.97 -23.90 -8.24
C4' ADP E . -18.38 -24.33 -7.96
O4' ADP E . -19.18 -24.14 -9.15
C3' ADP E . -18.56 -25.81 -7.59
O3' ADP E . -19.73 -25.98 -6.81
C2' ADP E . -18.67 -26.45 -8.98
O2' ADP E . -19.40 -27.66 -8.93
C1' ADP E . -19.39 -25.37 -9.79
N9 ADP E . -18.89 -25.25 -11.15
C8 ADP E . -17.80 -24.54 -11.58
N7 ADP E . -17.60 -24.62 -12.87
C5 ADP E . -18.63 -25.41 -13.33
C6 ADP E . -18.98 -25.88 -14.61
N6 ADP E . -18.29 -25.57 -15.72
N1 ADP E . -20.08 -26.66 -14.72
C2 ADP E . -20.76 -26.96 -13.62
N3 ADP E . -20.53 -26.60 -12.36
C4 ADP E . -19.44 -25.81 -12.28
C4 A1AHQ F . -0.99 -13.22 -4.90
C6 A1AHQ F . 0.30 -14.66 -3.43
C7 A1AHQ F . 1.38 -14.98 -2.68
C13 A1AHQ F . 1.79 -20.36 -0.59
C20 A1AHQ F . 0.81 -21.21 0.02
C22 A1AHQ F . 2.41 -14.03 -2.54
F1 A1AHQ F . -1.08 -14.81 -6.77
C2 A1AHQ F . -0.44 -13.69 -6.26
F3 A1AHQ F . -0.39 -12.65 -7.19
N5 A1AHQ F . 0.18 -13.45 -4.05
N8 A1AHQ F . 1.40 -16.28 -2.12
C9 A1AHQ F . 2.53 -17.00 -2.02
O10 A1AHQ F . 3.58 -16.52 -2.38
C11 A1AHQ F . 2.53 -18.38 -1.50
C12 A1AHQ F . 1.49 -19.05 -0.96
C14 A1AHQ F . 3.08 -20.73 -0.86
S15 A1AHQ F . 3.93 -19.44 -1.58
C16 A1AHQ F . 3.74 -22.07 -0.60
F17 A1AHQ F . 4.81 -22.19 -1.49
F18 A1AHQ F . 4.26 -22.10 0.69
F19 A1AHQ F . 2.85 -23.14 -0.79
N21 A1AHQ F . 0.00 -21.86 0.49
C23 A1AHQ F . 2.30 -12.81 -3.17
F24 A1AHQ F . 3.29 -11.90 -3.08
C25 A1AHQ F . 1.15 -12.52 -3.95
O26 A1AHQ F . 1.05 -11.44 -4.53
#